data_5JOU
#
_entry.id   5JOU
#
_cell.length_a   76.892
_cell.length_b   109.020
_cell.length_c   145.064
_cell.angle_alpha   90.00
_cell.angle_beta   90.00
_cell.angle_gamma   90.00
#
_symmetry.space_group_name_H-M   'P 21 21 21'
#
loop_
_entity.id
_entity.type
_entity.pdbx_description
1 polymer 'Alpha-xylosidase BoGH31A'
2 non-polymer 'NICKEL (II) ION'
3 non-polymer 1,2-ETHANEDIOL
4 water water
#
_entity_poly.entity_id   1
_entity_poly.type   'polypeptide(L)'
_entity_poly.pdbx_seq_one_letter_code
;MGSSHHHHHHSSGLEVLFQGPASNKVYEKTGDSVIVKVQHKETGGPRLVRLQVMGDKLIHVSATADSKFADPQSLIVVPQ
KKQTSFAVVQNGDTITVSTEEVKASVLASTGEVWFTDKNGELILQENKGGGKTFTPIEVEGTKGYTVCQVFESPEDEAFY
GLGQHQADEFNYKGKNEELFQYNTKVSVPFVVSNKNYGILLDSYSFCRFGNPNDYSQLNRIFKLYDKTGQEGALTGTYVP
KKGETLVRREDSIYFENLKTIENLPKKLPLMGAKVTYEGEIEPAQTGEFKFILYYAGYVKVYLNNEPVVPERWRTAWNPN
SYKFAAHLEAGKRVPLKIEWQPDGGQSYCGLRALTPVNPEEQGKQSWWSEMTKQLDYYFMAGENMDDVISGYRSLTGKSP
VMPKWAMGFWQSREKYNTQEEMLGALKGFRDRKIPLDNIVLDWNHWPENAWGSHEFDKARFPDPKAMVDSIHAMHARMMI
SVWPKFYVTTEHFKEFDENGWMYQQSVKDSLKDWVGPGYHYGFYDAYDPDARKLFWKQMYEHYYPLGIDAWWMDASEPNV
RDCTDLEYRKALCGPTALGSSTEFFNAYALMNAEAIYDGQRGVDNNKRVFLLTRSGFAGLQRYSTATWSGDIGTRWEDMK
AQISAGLNFAMSGIPYWTMDIGGFCVENRYVAGQKQWNATKTENADYKEWRELNTRWYQFGAFVPLYRAHGQYPFREIWE
IAPEGHPAYQSVVYYTKLRYNMMPYIYSLAGMTWFDDYTIMRPLVMDFTADAEVNDIGDQFMFGPSFMVSPVYRYGDRSR
EIYFPQAEGWYDFYSGKFQAGGERKVIEAPYERIPLYVRAGAIIPFGDDIQYTDEKPAEHIRLYIYQGADGEFTLYEDEG
VNYNYEQGMYAMIPMKYDEATKTLVIGERQGEFPGMLKERTFTVVTVNKEKAQPFDLNAKGVTVKYNGSEQTLKL
;
_entity_poly.pdbx_strand_id   A
#
loop_
_chem_comp.id
_chem_comp.type
_chem_comp.name
_chem_comp.formula
EDO non-polymer 1,2-ETHANEDIOL 'C2 H6 O2'
NI non-polymer 'NICKEL (II) ION' 'Ni 2'
#
# COMPACT_ATOMS: atom_id res chain seq x y z
N GLY A 2 45.12 18.61 27.97
CA GLY A 2 43.83 18.12 28.54
C GLY A 2 42.96 17.52 27.46
N SER A 3 41.75 17.10 27.85
CA SER A 3 40.80 16.45 26.94
C SER A 3 40.24 17.41 25.87
N SER A 4 39.73 16.85 24.78
CA SER A 4 39.03 17.58 23.73
C SER A 4 37.93 18.51 24.29
N HIS A 5 37.16 17.99 25.26
CA HIS A 5 36.13 18.75 25.99
C HIS A 5 36.72 19.92 26.78
N HIS A 6 37.80 19.67 27.53
CA HIS A 6 38.48 20.70 28.32
C HIS A 6 39.02 21.87 27.47
N HIS A 7 39.62 21.56 26.31
CA HIS A 7 40.17 22.59 25.40
C HIS A 7 39.10 23.46 24.70
N HIS A 8 37.98 22.84 24.30
CA HIS A 8 36.94 23.52 23.51
C HIS A 8 35.53 23.19 24.01
N PHE A 18 22.40 36.11 29.18
CA PHE A 18 21.11 35.74 28.62
C PHE A 18 21.00 36.01 27.11
N GLN A 19 21.60 37.11 26.63
CA GLN A 19 21.43 37.57 25.24
C GLN A 19 22.70 37.59 24.34
N GLY A 20 23.78 36.90 24.74
CA GLY A 20 24.99 36.82 23.89
C GLY A 20 24.71 36.07 22.59
N PRO A 21 25.67 36.08 21.63
CA PRO A 21 25.41 35.33 20.40
C PRO A 21 25.25 33.83 20.69
N ALA A 22 24.34 33.20 19.97
CA ALA A 22 24.09 31.75 20.12
C ALA A 22 25.32 30.88 19.98
N SER A 23 26.32 31.31 19.19
CA SER A 23 27.56 30.55 19.02
C SER A 23 28.38 30.35 20.30
N ASN A 24 28.06 31.11 21.36
CA ASN A 24 28.68 30.92 22.67
C ASN A 24 27.98 29.89 23.55
N LYS A 25 26.78 29.45 23.16
CA LYS A 25 25.90 28.67 24.02
C LYS A 25 25.88 27.21 23.55
N VAL A 26 25.63 26.30 24.48
CA VAL A 26 25.45 24.90 24.14
C VAL A 26 24.17 24.71 23.32
N TYR A 27 23.15 25.52 23.58
CA TYR A 27 21.91 25.42 22.83
C TYR A 27 21.30 26.80 22.65
N GLU A 28 20.39 26.88 21.68
CA GLU A 28 19.63 28.10 21.36
C GLU A 28 18.17 27.73 21.27
N LYS A 29 17.32 28.45 21.98
CA LYS A 29 15.88 28.29 21.84
C LYS A 29 15.32 29.38 20.95
N THR A 30 14.49 28.98 19.98
CA THR A 30 13.74 29.90 19.14
C THR A 30 12.25 29.75 19.46
N GLY A 31 11.42 30.43 18.66
CA GLY A 31 9.98 30.37 18.82
C GLY A 31 9.33 29.00 18.82
N ASP A 32 9.85 28.05 18.06
CA ASP A 32 9.25 26.69 18.06
C ASP A 32 10.27 25.57 18.16
N SER A 33 11.53 25.87 18.46
CA SER A 33 12.53 24.84 18.50
CA SER A 33 12.59 24.87 18.42
C SER A 33 13.66 25.12 19.45
N VAL A 34 14.44 24.06 19.73
CA VAL A 34 15.74 24.19 20.39
CA VAL A 34 15.71 24.16 20.41
C VAL A 34 16.79 23.55 19.49
N ILE A 35 17.90 24.26 19.27
CA ILE A 35 19.04 23.74 18.52
CA ILE A 35 19.04 23.73 18.52
C ILE A 35 20.20 23.48 19.48
N VAL A 36 20.68 22.25 19.52
CA VAL A 36 21.74 21.84 20.44
C VAL A 36 23.01 21.54 19.67
N LYS A 37 24.14 22.09 20.15
CA LYS A 37 25.47 21.81 19.59
C LYS A 37 26.07 20.61 20.27
N VAL A 38 26.37 19.58 19.49
CA VAL A 38 26.93 18.36 20.04
C VAL A 38 28.31 18.68 20.64
N GLN A 39 28.48 18.34 21.91
CA GLN A 39 29.67 18.75 22.64
C GLN A 39 30.82 17.78 22.54
N HIS A 40 30.52 16.49 22.32
CA HIS A 40 31.56 15.50 22.10
CA HIS A 40 31.56 15.48 22.11
C HIS A 40 31.45 14.99 20.67
N LYS A 41 32.01 15.77 19.74
CA LYS A 41 31.92 15.47 18.31
CA LYS A 41 31.92 15.49 18.31
C LYS A 41 32.67 14.19 17.95
N GLU A 42 32.04 13.33 17.14
CA GLU A 42 32.66 12.16 16.56
C GLU A 42 32.73 12.23 15.04
N THR A 43 33.68 11.48 14.49
CA THR A 43 33.84 11.34 13.05
C THR A 43 32.56 10.71 12.50
N GLY A 44 31.98 11.35 11.49
CA GLY A 44 30.71 10.88 10.94
C GLY A 44 29.48 11.15 11.80
N GLY A 45 29.64 11.80 12.94
CA GLY A 45 28.52 12.07 13.83
C GLY A 45 27.86 13.40 13.59
N PRO A 46 26.76 13.67 14.28
CA PRO A 46 26.10 14.96 14.18
C PRO A 46 26.91 16.11 14.80
N ARG A 47 26.75 17.30 14.24
CA ARG A 47 27.26 18.53 14.85
C ARG A 47 26.12 19.34 15.52
N LEU A 48 24.94 19.34 14.90
CA LEU A 48 23.76 20.04 15.42
C LEU A 48 22.57 19.09 15.47
N VAL A 49 21.76 19.19 16.52
CA VAL A 49 20.49 18.44 16.63
C VAL A 49 19.39 19.41 17.04
N ARG A 50 18.30 19.45 16.27
CA ARG A 50 17.18 20.34 16.56
C ARG A 50 15.91 19.56 16.93
N LEU A 51 15.25 19.98 18.01
CA LEU A 51 13.89 19.52 18.33
C LEU A 51 12.92 20.65 18.03
N GLN A 52 12.03 20.44 17.07
CA GLN A 52 11.02 21.43 16.67
C GLN A 52 9.63 20.92 17.03
N VAL A 53 8.88 21.75 17.76
CA VAL A 53 7.52 21.37 18.19
C VAL A 53 6.53 21.67 17.07
N MET A 54 5.85 20.64 16.56
CA MET A 54 4.84 20.77 15.49
C MET A 54 3.40 20.68 16.00
N GLY A 55 3.21 20.11 17.18
CA GLY A 55 1.88 19.91 17.76
C GLY A 55 2.06 19.30 19.14
N ASP A 56 0.98 19.16 19.91
CA ASP A 56 1.09 18.56 21.25
C ASP A 56 1.77 17.17 21.25
N LYS A 57 1.50 16.38 20.21
CA LYS A 57 2.02 15.01 20.14
C LYS A 57 3.07 14.83 19.01
N LEU A 58 3.53 15.93 18.41
CA LEU A 58 4.26 15.90 17.13
C LEU A 58 5.61 16.64 17.27
N ILE A 59 6.72 15.90 17.15
CA ILE A 59 8.05 16.49 17.23
C ILE A 59 8.85 16.23 15.94
N HIS A 60 9.41 17.29 15.37
CA HIS A 60 10.29 17.24 14.20
C HIS A 60 11.73 17.29 14.68
N VAL A 61 12.48 16.21 14.41
CA VAL A 61 13.90 16.13 14.73
C VAL A 61 14.70 16.38 13.46
N SER A 62 15.67 17.29 13.54
CA SER A 62 16.64 17.48 12.47
C SER A 62 18.05 17.32 13.00
N ALA A 63 18.95 16.81 12.17
CA ALA A 63 20.33 16.71 12.56
C ALA A 63 21.21 16.89 11.34
N THR A 64 22.40 17.45 11.55
CA THR A 64 23.34 17.62 10.44
C THR A 64 24.78 17.55 10.91
N ALA A 65 25.67 17.15 10.00
CA ALA A 65 27.12 17.22 10.22
C ALA A 65 27.71 18.62 9.96
N ASP A 66 26.93 19.48 9.31
CA ASP A 66 27.33 20.86 8.99
C ASP A 66 27.15 21.76 10.22
N SER A 67 27.64 23.00 10.12
CA SER A 67 27.48 24.00 11.18
C SER A 67 26.27 24.91 10.97
N LYS A 68 25.43 24.57 9.98
CA LYS A 68 24.10 25.14 9.85
C LYS A 68 23.21 24.12 9.16
N PHE A 69 21.90 24.29 9.31
CA PHE A 69 20.92 23.43 8.62
C PHE A 69 20.68 23.94 7.21
N ALA A 70 20.56 23.02 6.26
CA ALA A 70 20.15 23.37 4.91
C ALA A 70 18.68 23.76 4.86
N ASP A 71 17.84 23.08 5.66
CA ASP A 71 16.39 23.31 5.74
C ASP A 71 15.68 23.49 4.40
N PRO A 72 15.81 22.49 3.52
CA PRO A 72 14.98 22.50 2.32
C PRO A 72 13.49 22.43 2.65
N GLN A 73 12.65 22.91 1.75
CA GLN A 73 11.21 22.80 1.91
C GLN A 73 10.80 21.33 1.79
N SER A 74 9.99 20.83 2.74
CA SER A 74 9.52 19.44 2.66
C SER A 74 8.54 19.25 1.52
N LEU A 75 8.61 18.11 0.83
CA LEU A 75 7.61 17.77 -0.16
C LEU A 75 6.39 17.13 0.50
N ILE A 76 6.54 16.62 1.72
CA ILE A 76 5.46 15.84 2.36
C ILE A 76 4.74 16.51 3.52
N VAL A 77 5.45 17.33 4.31
CA VAL A 77 4.86 17.94 5.49
C VAL A 77 4.25 19.29 5.11
N VAL A 78 2.98 19.46 5.48
CA VAL A 78 2.22 20.69 5.21
C VAL A 78 2.26 21.68 6.41
N PRO A 79 1.94 22.97 6.17
CA PRO A 79 1.83 23.94 7.29
C PRO A 79 0.80 23.51 8.34
N GLN A 80 1.13 23.65 9.62
CA GLN A 80 0.24 23.26 10.73
C GLN A 80 -0.75 24.35 11.15
N LYS A 81 -1.86 23.93 11.76
CA LYS A 81 -3.01 24.81 12.03
C LYS A 81 -2.75 25.86 13.11
N LYS A 82 -2.15 25.43 14.22
CA LYS A 82 -2.02 26.25 15.43
C LYS A 82 -0.60 26.24 15.98
N GLN A 83 -0.25 27.28 16.74
CA GLN A 83 0.98 27.32 17.54
C GLN A 83 0.79 26.37 18.72
N THR A 84 1.90 25.79 19.19
CA THR A 84 1.84 24.84 20.29
C THR A 84 2.66 25.35 21.44
N SER A 85 2.09 25.34 22.65
CA SER A 85 2.83 25.79 23.84
C SER A 85 3.77 24.69 24.33
N PHE A 86 4.93 25.09 24.78
CA PHE A 86 5.89 24.13 25.32
C PHE A 86 6.86 24.82 26.26
N ALA A 87 7.53 24.01 27.07
CA ALA A 87 8.58 24.51 27.95
C ALA A 87 9.86 23.82 27.58
N VAL A 88 10.98 24.46 27.93
CA VAL A 88 12.30 23.86 27.79
C VAL A 88 13.00 23.95 29.15
N VAL A 89 13.61 22.85 29.56
CA VAL A 89 14.45 22.81 30.76
C VAL A 89 15.81 22.23 30.41
N GLN A 90 16.88 22.94 30.77
N GLN A 90 16.87 22.91 30.82
CA GLN A 90 18.22 22.40 30.74
CA GLN A 90 18.23 22.38 30.70
C GLN A 90 18.62 22.01 32.15
C GLN A 90 18.72 22.05 32.10
N ASN A 91 19.07 20.76 32.30
CA ASN A 91 19.47 20.21 33.58
C ASN A 91 20.74 19.42 33.32
N GLY A 92 21.90 20.04 33.52
CA GLY A 92 23.19 19.43 33.19
C GLY A 92 23.24 19.08 31.70
N ASP A 93 23.57 17.82 31.40
CA ASP A 93 23.71 17.34 30.00
C ASP A 93 22.36 17.20 29.28
N THR A 94 21.25 17.18 30.02
CA THR A 94 19.93 16.90 29.42
C THR A 94 19.17 18.20 29.13
N ILE A 95 18.68 18.33 27.89
CA ILE A 95 17.76 19.40 27.50
C ILE A 95 16.43 18.76 27.12
N THR A 96 15.35 19.20 27.78
CA THR A 96 14.02 18.58 27.59
C THR A 96 13.00 19.61 27.12
N VAL A 97 12.32 19.28 26.01
CA VAL A 97 11.22 20.05 25.43
C VAL A 97 9.94 19.33 25.85
N SER A 98 9.04 20.02 26.55
CA SER A 98 7.80 19.41 27.06
CA SER A 98 7.80 19.41 27.06
C SER A 98 6.57 20.15 26.53
N THR A 99 5.67 19.39 25.91
CA THR A 99 4.34 19.87 25.55
C THR A 99 3.39 19.33 26.62
N GLU A 100 2.10 19.51 26.41
CA GLU A 100 1.09 18.94 27.30
CA GLU A 100 1.09 18.94 27.30
C GLU A 100 1.10 17.41 27.28
N GLU A 101 1.56 16.81 26.18
CA GLU A 101 1.44 15.37 25.96
C GLU A 101 2.73 14.56 25.86
N VAL A 102 3.85 15.19 25.46
CA VAL A 102 5.11 14.47 25.29
CA VAL A 102 5.13 14.52 25.17
C VAL A 102 6.27 15.30 25.80
N LYS A 103 7.34 14.60 26.17
CA LYS A 103 8.61 15.20 26.55
C LYS A 103 9.65 14.61 25.62
N ALA A 104 10.35 15.46 24.89
CA ALA A 104 11.42 15.06 24.00
C ALA A 104 12.71 15.59 24.57
N SER A 105 13.68 14.71 24.82
CA SER A 105 14.95 15.11 25.44
C SER A 105 16.12 14.81 24.51
N VAL A 106 17.18 15.59 24.65
CA VAL A 106 18.42 15.37 23.93
C VAL A 106 19.59 15.57 24.88
N LEU A 107 20.63 14.75 24.75
CA LEU A 107 21.88 14.99 25.47
C LEU A 107 22.78 15.89 24.67
N ALA A 108 23.29 16.94 25.30
CA ALA A 108 24.24 17.82 24.64
C ALA A 108 25.54 17.12 24.22
N SER A 109 26.00 16.20 25.06
CA SER A 109 27.24 15.46 24.81
C SER A 109 27.24 14.70 23.48
N THR A 110 26.19 13.91 23.25
CA THR A 110 26.12 13.04 22.07
C THR A 110 25.10 13.42 21.01
N GLY A 111 24.10 14.22 21.37
CA GLY A 111 22.99 14.50 20.49
C GLY A 111 21.92 13.40 20.47
N GLU A 112 22.04 12.40 21.34
CA GLU A 112 21.05 11.31 21.34
C GLU A 112 19.72 11.79 21.94
N VAL A 113 18.61 11.31 21.37
CA VAL A 113 17.25 11.77 21.66
C VAL A 113 16.36 10.65 22.24
N TRP A 114 15.46 10.99 23.16
CA TRP A 114 14.42 10.06 23.57
C TRP A 114 13.11 10.79 23.86
N PHE A 115 12.03 10.03 23.82
CA PHE A 115 10.69 10.55 23.95
C PHE A 115 9.94 9.82 25.06
N THR A 116 9.24 10.59 25.90
CA THR A 116 8.41 10.02 26.98
C THR A 116 7.02 10.63 26.90
N ASP A 117 6.07 9.99 27.59
CA ASP A 117 4.76 10.60 27.81
C ASP A 117 4.85 11.68 28.90
N LYS A 118 3.71 12.30 29.22
CA LYS A 118 3.65 13.39 30.18
C LYS A 118 4.10 13.00 31.60
N ASN A 119 4.09 11.70 31.92
CA ASN A 119 4.52 11.21 33.22
C ASN A 119 5.94 10.63 33.22
N GLY A 120 6.65 10.82 32.12
CA GLY A 120 8.01 10.33 32.01
C GLY A 120 8.17 8.87 31.65
N GLU A 121 7.10 8.17 31.26
CA GLU A 121 7.19 6.78 30.80
CA GLU A 121 7.22 6.79 30.82
C GLU A 121 7.76 6.76 29.39
N LEU A 122 8.81 5.95 29.17
CA LEU A 122 9.51 5.92 27.89
C LEU A 122 8.63 5.40 26.76
N ILE A 123 8.64 6.13 25.62
CA ILE A 123 7.96 5.70 24.39
C ILE A 123 8.96 5.15 23.38
N LEU A 124 10.04 5.92 23.15
CA LEU A 124 11.03 5.61 22.11
C LEU A 124 12.38 6.20 22.50
N GLN A 125 13.46 5.41 22.43
CA GLN A 125 14.81 5.85 22.75
C GLN A 125 15.77 5.61 21.60
N GLU A 126 16.53 6.63 21.22
CA GLU A 126 17.64 6.47 20.28
C GLU A 126 18.70 5.49 20.77
N ASN A 127 19.38 4.84 19.82
CA ASN A 127 20.51 3.98 20.13
C ASN A 127 21.35 4.64 21.21
N LYS A 128 21.65 3.90 22.28
CA LYS A 128 22.38 4.45 23.43
C LYS A 128 23.78 4.95 22.98
N GLY A 129 24.13 6.16 23.37
CA GLY A 129 25.38 6.79 22.94
C GLY A 129 25.24 7.54 21.61
N GLY A 130 24.07 7.49 20.99
CA GLY A 130 23.85 8.08 19.67
C GLY A 130 23.67 7.01 18.61
N GLY A 131 22.76 7.28 17.68
CA GLY A 131 22.43 6.36 16.61
C GLY A 131 22.44 6.95 15.20
N LYS A 132 23.10 8.11 15.04
CA LYS A 132 23.11 8.87 13.79
C LYS A 132 24.49 8.91 13.15
N THR A 133 24.59 8.56 11.87
CA THR A 133 25.84 8.59 11.12
CA THR A 133 25.84 8.68 11.15
C THR A 133 25.60 9.39 9.83
N PHE A 134 26.59 10.17 9.41
CA PHE A 134 26.54 10.99 8.21
C PHE A 134 27.77 10.70 7.36
N THR A 135 27.55 10.39 6.07
CA THR A 135 28.63 10.12 5.11
C THR A 135 28.38 11.01 3.88
N PRO A 136 29.32 11.90 3.53
CA PRO A 136 29.10 12.76 2.37
C PRO A 136 28.88 11.98 1.08
N ILE A 137 27.99 12.48 0.23
CA ILE A 137 27.76 11.93 -1.10
C ILE A 137 27.61 13.10 -2.08
N GLU A 138 28.10 12.90 -3.30
CA GLU A 138 28.01 13.91 -4.34
C GLU A 138 27.49 13.27 -5.61
N VAL A 139 26.45 13.87 -6.21
CA VAL A 139 25.85 13.38 -7.45
C VAL A 139 25.61 14.57 -8.39
N GLU A 140 26.20 14.53 -9.59
CA GLU A 140 25.97 15.58 -10.60
C GLU A 140 26.23 16.99 -10.07
N GLY A 141 27.34 17.16 -9.34
CA GLY A 141 27.65 18.46 -8.74
C GLY A 141 26.77 18.92 -7.58
N THR A 142 25.82 18.08 -7.12
CA THR A 142 25.00 18.40 -5.95
C THR A 142 25.57 17.59 -4.78
N LYS A 143 25.46 18.13 -3.57
CA LYS A 143 26.06 17.49 -2.40
C LYS A 143 25.01 17.20 -1.35
N GLY A 144 25.24 16.14 -0.58
CA GLY A 144 24.35 15.77 0.52
C GLY A 144 24.99 14.72 1.39
N TYR A 145 24.16 13.97 2.12
CA TYR A 145 24.62 12.94 3.02
C TYR A 145 23.86 11.65 2.84
N THR A 146 24.57 10.53 2.95
CA THR A 146 23.98 9.24 3.25
C THR A 146 23.85 9.19 4.78
N VAL A 147 22.65 8.94 5.29
CA VAL A 147 22.39 9.01 6.73
C VAL A 147 21.83 7.71 7.27
N CYS A 148 22.31 7.31 8.46
CA CYS A 148 21.72 6.22 9.25
CA CYS A 148 21.68 6.24 9.20
C CYS A 148 21.14 6.79 10.53
N GLN A 149 19.94 6.35 10.92
CA GLN A 149 19.34 6.67 12.24
C GLN A 149 18.85 5.36 12.85
N VAL A 150 19.34 5.01 14.04
CA VAL A 150 19.00 3.75 14.72
C VAL A 150 18.38 4.09 16.10
N PHE A 151 17.32 3.37 16.45
CA PHE A 151 16.67 3.46 17.75
C PHE A 151 16.74 2.11 18.45
N GLU A 152 16.85 2.13 19.78
CA GLU A 152 16.59 0.96 20.59
C GLU A 152 15.17 0.46 20.34
N SER A 153 14.96 -0.84 20.49
CA SER A 153 13.63 -1.45 20.33
C SER A 153 13.49 -2.69 21.24
N PRO A 154 12.52 -2.67 22.17
CA PRO A 154 12.37 -3.85 23.04
C PRO A 154 11.85 -5.09 22.30
N GLU A 155 12.04 -6.24 22.94
CA GLU A 155 11.70 -7.53 22.30
C GLU A 155 10.21 -7.64 21.95
N ASP A 156 9.36 -6.96 22.72
CA ASP A 156 7.90 -7.00 22.51
C ASP A 156 7.35 -5.90 21.58
N GLU A 157 8.23 -5.12 20.95
CA GLU A 157 7.80 -4.11 19.97
C GLU A 157 7.51 -4.76 18.62
N ALA A 158 6.43 -4.31 17.97
CA ALA A 158 5.99 -4.75 16.64
C ALA A 158 5.85 -3.53 15.73
N PHE A 159 6.15 -3.70 14.44
CA PHE A 159 6.19 -2.59 13.48
C PHE A 159 5.34 -2.88 12.23
N TYR A 160 4.64 -1.88 11.74
CA TYR A 160 3.77 -1.99 10.55
C TYR A 160 3.91 -0.75 9.69
N GLY A 161 3.78 -0.91 8.37
CA GLY A 161 3.85 0.21 7.45
C GLY A 161 4.86 -0.02 6.35
N LEU A 162 5.67 1.00 6.04
CA LEU A 162 6.67 1.00 4.96
C LEU A 162 6.11 1.03 3.54
N GLY A 163 4.79 1.10 3.40
CA GLY A 163 4.10 1.05 2.12
C GLY A 163 3.45 -0.29 1.84
N GLN A 164 3.68 -0.79 0.63
CA GLN A 164 3.02 -1.98 0.07
C GLN A 164 4.08 -2.79 -0.65
N HIS A 165 4.50 -3.89 -0.02
CA HIS A 165 5.54 -4.75 -0.57
CA HIS A 165 5.54 -4.77 -0.56
C HIS A 165 4.97 -6.15 -0.79
N GLN A 166 5.66 -6.95 -1.62
CA GLN A 166 5.10 -8.21 -2.19
C GLN A 166 5.79 -9.48 -1.73
N ALA A 167 6.40 -9.43 -0.54
CA ALA A 167 7.07 -10.60 0.05
C ALA A 167 6.28 -11.31 1.15
N ASP A 168 5.02 -10.89 1.35
CA ASP A 168 4.16 -11.41 2.39
C ASP A 168 4.75 -11.31 3.79
N GLU A 169 5.52 -10.26 4.04
CA GLU A 169 6.02 -9.99 5.38
C GLU A 169 4.98 -9.25 6.21
N PHE A 170 4.87 -9.61 7.48
CA PHE A 170 3.95 -8.92 8.38
C PHE A 170 4.50 -8.93 9.80
N ASN A 171 4.55 -7.72 10.39
CA ASN A 171 5.34 -7.38 11.58
C ASN A 171 6.81 -7.27 11.21
N TYR A 172 7.27 -6.03 11.04
CA TYR A 172 8.64 -5.77 10.58
C TYR A 172 9.70 -5.81 11.69
N LYS A 173 9.33 -6.13 12.93
CA LYS A 173 10.33 -6.34 13.99
C LYS A 173 11.37 -7.34 13.54
N GLY A 174 12.64 -6.94 13.58
CA GLY A 174 13.74 -7.76 13.18
C GLY A 174 13.89 -8.03 11.70
N LYS A 175 13.06 -7.37 10.85
CA LYS A 175 13.06 -7.63 9.40
CA LYS A 175 13.06 -7.64 9.41
C LYS A 175 13.70 -6.51 8.61
N ASN A 176 13.91 -6.77 7.32
CA ASN A 176 14.55 -5.84 6.38
C ASN A 176 13.60 -5.51 5.22
N GLU A 177 13.64 -4.27 4.72
CA GLU A 177 13.01 -3.95 3.44
C GLU A 177 13.72 -2.78 2.77
N GLU A 178 13.87 -2.90 1.43
CA GLU A 178 14.41 -1.85 0.57
C GLU A 178 13.26 -0.93 0.10
N LEU A 179 13.48 0.39 0.22
CA LEU A 179 12.46 1.37 -0.13
C LEU A 179 12.81 2.08 -1.45
N PHE A 180 12.31 1.50 -2.55
CA PHE A 180 12.33 2.08 -3.89
C PHE A 180 10.95 1.75 -4.53
N GLN A 181 10.66 2.35 -5.69
CA GLN A 181 9.38 2.17 -6.36
C GLN A 181 9.50 1.30 -7.61
N TYR A 182 8.68 0.26 -7.72
CA TYR A 182 8.67 -0.56 -8.92
C TYR A 182 7.34 -1.32 -8.97
N ASN A 183 6.62 -1.25 -10.09
CA ASN A 183 5.36 -1.99 -10.37
C ASN A 183 5.06 -3.12 -9.37
N THR A 184 4.11 -2.86 -8.48
CA THR A 184 3.64 -3.70 -7.34
C THR A 184 4.27 -3.40 -5.98
N LYS A 185 5.33 -2.62 -5.99
CA LYS A 185 6.09 -2.30 -4.78
C LYS A 185 6.06 -0.80 -4.58
N VAL A 186 5.36 -0.37 -3.53
CA VAL A 186 5.19 1.04 -3.23
C VAL A 186 5.82 1.33 -1.87
N SER A 187 6.76 2.28 -1.85
CA SER A 187 7.48 2.59 -0.63
C SER A 187 6.99 3.90 -0.02
N VAL A 188 6.72 3.84 1.28
CA VAL A 188 6.27 4.99 2.07
C VAL A 188 7.15 4.98 3.33
N PRO A 189 7.94 6.04 3.58
CA PRO A 189 8.94 5.97 4.68
C PRO A 189 8.31 6.34 6.04
N PHE A 190 7.36 5.51 6.46
CA PHE A 190 6.55 5.72 7.68
C PHE A 190 6.33 4.35 8.33
N VAL A 191 6.58 4.24 9.63
CA VAL A 191 6.34 3.01 10.38
C VAL A 191 5.51 3.33 11.64
N VAL A 192 4.59 2.45 11.99
CA VAL A 192 3.79 2.58 13.21
C VAL A 192 4.14 1.43 14.12
N SER A 193 4.28 1.74 15.42
CA SER A 193 4.64 0.77 16.44
C SER A 193 3.46 0.43 17.33
N ASN A 194 3.42 -0.81 17.81
CA ASN A 194 2.44 -1.18 18.86
C ASN A 194 2.66 -0.50 20.21
N LYS A 195 3.76 0.24 20.35
CA LYS A 195 3.98 1.14 21.47
C LYS A 195 3.35 2.52 21.26
N ASN A 196 2.47 2.63 20.26
CA ASN A 196 1.63 3.82 20.05
C ASN A 196 2.41 5.08 19.70
N TYR A 197 3.31 4.93 18.74
CA TYR A 197 3.92 6.09 18.09
C TYR A 197 4.22 5.70 16.63
N GLY A 198 4.53 6.71 15.84
CA GLY A 198 5.01 6.52 14.47
C GLY A 198 6.26 7.35 14.21
N ILE A 199 7.05 6.91 13.24
CA ILE A 199 8.22 7.65 12.76
C ILE A 199 8.10 7.82 11.24
N LEU A 200 8.15 9.06 10.78
CA LEU A 200 8.15 9.45 9.38
C LEU A 200 9.53 9.98 9.02
N LEU A 201 10.21 9.28 8.11
CA LEU A 201 11.53 9.72 7.65
C LEU A 201 11.34 10.59 6.40
N ASP A 202 11.72 11.86 6.50
CA ASP A 202 11.56 12.79 5.40
C ASP A 202 12.77 12.72 4.45
N SER A 203 12.78 11.69 3.62
CA SER A 203 13.78 11.48 2.59
C SER A 203 13.08 11.03 1.31
N TYR A 204 13.60 11.46 0.16
CA TYR A 204 13.05 11.08 -1.16
C TYR A 204 13.96 10.13 -1.94
N SER A 205 15.10 9.74 -1.35
CA SER A 205 16.05 8.84 -2.01
C SER A 205 15.72 7.37 -1.72
N PHE A 206 16.44 6.48 -2.38
CA PHE A 206 16.48 5.07 -1.98
CA PHE A 206 16.49 5.06 -1.97
C PHE A 206 16.77 5.04 -0.47
N CYS A 207 15.96 4.28 0.28
CA CYS A 207 16.14 4.09 1.73
C CYS A 207 16.06 2.60 2.07
N ARG A 208 16.48 2.24 3.28
CA ARG A 208 16.32 0.87 3.82
C ARG A 208 15.84 0.91 5.27
N PHE A 209 14.95 -0.03 5.61
CA PHE A 209 14.54 -0.30 6.99
C PHE A 209 15.24 -1.60 7.36
N GLY A 210 15.93 -1.59 8.49
CA GLY A 210 16.65 -2.78 8.97
C GLY A 210 18.10 -2.76 8.52
N ASN A 211 18.55 -3.84 7.88
CA ASN A 211 19.97 -3.94 7.46
C ASN A 211 20.29 -2.82 6.46
N PRO A 212 21.35 -2.00 6.73
CA PRO A 212 21.64 -0.92 5.78
C PRO A 212 22.41 -1.36 4.51
N ASN A 213 22.81 -2.63 4.42
CA ASN A 213 23.66 -3.10 3.32
C ASN A 213 22.86 -3.77 2.21
N ASP A 214 23.40 -3.73 0.98
CA ASP A 214 22.77 -4.56 -0.05
CA ASP A 214 22.98 -4.55 -0.17
C ASP A 214 23.03 -6.03 0.23
N TYR A 215 22.13 -6.85 -0.28
CA TYR A 215 22.34 -8.29 -0.32
C TYR A 215 23.58 -8.61 -1.16
N SER A 216 24.19 -9.74 -0.88
CA SER A 216 25.39 -10.21 -1.59
C SER A 216 25.08 -11.40 -2.51
N GLN A 217 25.80 -11.46 -3.63
CA GLN A 217 25.74 -12.67 -4.47
CA GLN A 217 25.85 -12.66 -4.50
C GLN A 217 26.33 -13.85 -3.68
N LEU A 218 25.87 -15.05 -4.01
CA LEU A 218 26.17 -16.23 -3.20
C LEU A 218 27.67 -16.53 -3.13
N ASN A 219 28.39 -16.25 -4.21
CA ASN A 219 29.83 -16.50 -4.23
C ASN A 219 30.65 -15.54 -3.38
N ARG A 220 30.07 -14.41 -2.96
CA ARG A 220 30.77 -13.50 -2.04
C ARG A 220 30.71 -13.92 -0.60
N ILE A 221 29.66 -14.66 -0.24
CA ILE A 221 29.47 -15.04 1.16
C ILE A 221 29.45 -16.52 1.49
N PHE A 222 29.45 -17.40 0.47
CA PHE A 222 29.55 -18.85 0.67
C PHE A 222 30.67 -19.41 -0.21
N LYS A 223 31.30 -20.47 0.28
CA LYS A 223 32.01 -21.39 -0.60
CA LYS A 223 32.02 -21.37 -0.59
C LYS A 223 30.92 -22.18 -1.31
N LEU A 224 31.06 -22.34 -2.63
CA LEU A 224 30.11 -23.08 -3.48
C LEU A 224 30.74 -24.36 -4.01
N TYR A 225 29.97 -25.45 -4.00
CA TYR A 225 30.39 -26.73 -4.60
C TYR A 225 29.33 -27.15 -5.62
N ASP A 226 29.76 -27.64 -6.77
CA ASP A 226 28.82 -27.94 -7.87
C ASP A 226 28.26 -29.35 -7.70
N LYS A 227 27.47 -29.81 -8.68
CA LYS A 227 26.79 -31.11 -8.60
C LYS A 227 27.77 -32.27 -8.44
N THR A 228 29.00 -32.12 -8.92
CA THR A 228 30.04 -33.17 -8.80
C THR A 228 30.94 -32.98 -7.57
N GLY A 229 30.68 -31.95 -6.77
CA GLY A 229 31.46 -31.66 -5.56
C GLY A 229 32.66 -30.75 -5.76
N GLN A 230 32.84 -30.18 -6.95
CA GLN A 230 33.98 -29.33 -7.24
C GLN A 230 33.73 -27.90 -6.77
N GLU A 231 34.64 -27.41 -5.94
CA GLU A 231 34.53 -26.07 -5.35
C GLU A 231 34.60 -24.99 -6.41
N GLY A 232 33.92 -23.87 -6.17
CA GLY A 232 34.04 -22.67 -7.00
C GLY A 232 32.83 -22.29 -7.82
N ALA A 233 31.79 -23.11 -7.78
CA ALA A 233 30.59 -22.85 -8.59
C ALA A 233 29.46 -23.73 -8.14
N LEU A 234 28.25 -23.37 -8.59
CA LEU A 234 27.10 -24.29 -8.64
C LEU A 234 26.98 -24.86 -10.07
N THR A 235 26.10 -25.85 -10.26
CA THR A 235 25.80 -26.41 -11.59
C THR A 235 24.48 -25.85 -12.09
N GLY A 236 24.46 -25.47 -13.37
CA GLY A 236 23.22 -25.14 -14.10
C GLY A 236 22.94 -26.15 -15.21
N THR A 237 21.77 -26.79 -15.14
CA THR A 237 21.33 -27.79 -16.12
C THR A 237 20.12 -27.17 -16.83
N TYR A 238 20.21 -26.99 -18.14
CA TYR A 238 19.18 -26.34 -18.94
C TYR A 238 18.60 -27.35 -19.93
N VAL A 239 17.35 -27.77 -19.70
CA VAL A 239 16.65 -28.71 -20.59
C VAL A 239 15.70 -27.91 -21.46
N PRO A 240 16.06 -27.69 -22.74
CA PRO A 240 15.18 -26.91 -23.61
C PRO A 240 13.95 -27.72 -23.99
N LYS A 241 12.91 -27.03 -24.48
CA LYS A 241 11.70 -27.70 -24.96
C LYS A 241 12.03 -28.64 -26.12
N LYS A 242 12.84 -28.16 -27.06
CA LYS A 242 13.41 -28.99 -28.13
C LYS A 242 14.92 -28.88 -28.14
N GLY A 243 15.61 -30.01 -28.30
CA GLY A 243 17.07 -30.03 -28.48
C GLY A 243 17.86 -30.62 -27.32
N GLU A 244 19.18 -30.43 -27.35
CA GLU A 244 20.10 -31.07 -26.41
C GLU A 244 20.17 -30.30 -25.07
N THR A 245 20.28 -31.05 -23.98
CA THR A 245 20.46 -30.47 -22.64
C THR A 245 21.87 -29.90 -22.49
N LEU A 246 21.97 -28.72 -21.88
CA LEU A 246 23.22 -28.05 -21.61
C LEU A 246 23.48 -28.10 -20.11
N VAL A 247 24.70 -28.49 -19.73
CA VAL A 247 25.15 -28.45 -18.35
C VAL A 247 26.41 -27.58 -18.31
N ARG A 248 26.42 -26.60 -17.40
CA ARG A 248 27.59 -25.74 -17.18
C ARG A 248 27.70 -25.37 -15.70
N ARG A 249 28.87 -24.85 -15.34
CA ARG A 249 29.09 -24.30 -14.01
C ARG A 249 28.60 -22.86 -13.98
N GLU A 250 28.06 -22.45 -12.83
CA GLU A 250 27.55 -21.09 -12.63
C GLU A 250 28.35 -20.44 -11.51
N ASP A 251 28.88 -19.23 -11.76
CA ASP A 251 29.60 -18.46 -10.74
C ASP A 251 28.65 -18.02 -9.63
N SER A 252 27.42 -17.69 -10.02
CA SER A 252 26.45 -16.99 -9.19
C SER A 252 25.08 -17.18 -9.83
N ILE A 253 24.01 -17.18 -9.04
CA ILE A 253 22.66 -17.22 -9.60
C ILE A 253 22.15 -15.78 -9.54
N TYR A 254 22.30 -15.04 -10.64
CA TYR A 254 21.96 -13.61 -10.64
C TYR A 254 21.58 -13.15 -12.04
N PHE A 255 20.35 -13.46 -12.41
CA PHE A 255 19.85 -13.12 -13.74
C PHE A 255 18.60 -12.30 -13.49
N GLU A 256 18.82 -11.03 -13.14
CA GLU A 256 17.79 -10.20 -12.49
C GLU A 256 17.42 -8.93 -13.24
N ASN A 257 18.04 -8.67 -14.38
CA ASN A 257 17.76 -7.45 -15.14
C ASN A 257 18.26 -7.59 -16.57
N LEU A 258 17.97 -6.61 -17.40
CA LEU A 258 18.28 -6.72 -18.84
C LEU A 258 19.76 -6.98 -19.09
N LYS A 259 20.65 -6.38 -18.30
CA LYS A 259 22.09 -6.65 -18.43
C LYS A 259 22.48 -8.07 -18.06
N THR A 260 22.02 -8.54 -16.90
CA THR A 260 22.50 -9.81 -16.37
C THR A 260 21.85 -11.04 -17.01
N ILE A 261 20.68 -10.90 -17.64
CA ILE A 261 20.11 -12.03 -18.39
C ILE A 261 20.92 -12.36 -19.65
N GLU A 262 21.75 -11.44 -20.10
CA GLU A 262 22.75 -11.74 -21.14
C GLU A 262 23.79 -12.77 -20.70
N ASN A 263 23.88 -13.06 -19.40
CA ASN A 263 24.75 -14.12 -18.88
C ASN A 263 24.18 -15.53 -18.93
N LEU A 264 22.91 -15.67 -19.25
CA LEU A 264 22.30 -16.98 -19.48
C LEU A 264 22.84 -17.58 -20.80
N PRO A 265 22.69 -18.91 -21.00
CA PRO A 265 23.34 -19.55 -22.17
C PRO A 265 22.85 -18.98 -23.50
N LYS A 266 23.80 -18.71 -24.41
CA LYS A 266 23.50 -17.90 -25.59
C LYS A 266 22.54 -18.52 -26.61
N LYS A 267 22.63 -19.83 -26.85
CA LYS A 267 21.82 -20.45 -27.92
C LYS A 267 20.80 -21.42 -27.35
N LEU A 268 20.12 -21.01 -26.27
CA LEU A 268 19.24 -21.92 -25.55
C LEU A 268 17.92 -21.22 -25.28
N PRO A 269 16.88 -21.49 -26.10
CA PRO A 269 15.64 -20.75 -25.88
C PRO A 269 15.02 -21.13 -24.55
N LEU A 270 14.58 -20.10 -23.82
CA LEU A 270 14.04 -20.28 -22.47
C LEU A 270 12.55 -20.69 -22.40
N MET A 271 11.77 -20.41 -23.44
CA MET A 271 10.34 -20.73 -23.39
C MET A 271 10.12 -22.24 -23.40
N GLY A 272 9.48 -22.77 -22.36
CA GLY A 272 9.33 -24.21 -22.22
C GLY A 272 10.54 -24.97 -21.69
N ALA A 273 11.60 -24.25 -21.33
CA ALA A 273 12.77 -24.88 -20.76
C ALA A 273 12.53 -25.22 -19.29
N LYS A 274 13.30 -26.19 -18.77
CA LYS A 274 13.33 -26.48 -17.34
CA LYS A 274 13.33 -26.53 -17.36
C LYS A 274 14.78 -26.42 -16.88
N VAL A 275 15.06 -25.49 -15.96
CA VAL A 275 16.41 -25.20 -15.54
C VAL A 275 16.54 -25.58 -14.08
N THR A 276 17.64 -26.27 -13.73
CA THR A 276 17.91 -26.61 -12.34
C THR A 276 19.30 -26.07 -11.95
N TYR A 277 19.33 -25.27 -10.88
CA TYR A 277 20.58 -24.80 -10.28
C TYR A 277 20.80 -25.58 -9.02
N GLU A 278 21.97 -26.21 -8.88
CA GLU A 278 22.20 -27.05 -7.73
C GLU A 278 23.64 -27.21 -7.32
N GLY A 279 23.78 -27.59 -6.05
CA GLY A 279 25.08 -27.89 -5.46
C GLY A 279 25.00 -27.78 -3.95
N GLU A 280 26.12 -27.41 -3.33
CA GLU A 280 26.17 -27.18 -1.88
C GLU A 280 26.80 -25.81 -1.59
N ILE A 281 26.35 -25.20 -0.49
CA ILE A 281 26.90 -23.93 -0.02
C ILE A 281 27.47 -24.14 1.39
N GLU A 282 28.54 -23.41 1.69
CA GLU A 282 29.22 -23.51 2.99
C GLU A 282 29.55 -22.11 3.49
N PRO A 283 28.90 -21.68 4.60
CA PRO A 283 29.20 -20.36 5.14
C PRO A 283 30.47 -20.36 5.99
N ALA A 284 30.99 -19.16 6.23
CA ALA A 284 32.17 -18.97 7.06
C ALA A 284 31.82 -18.44 8.46
N GLN A 285 30.54 -18.16 8.74
CA GLN A 285 30.09 -17.80 10.09
C GLN A 285 28.76 -18.47 10.39
N THR A 286 28.39 -18.50 11.68
CA THR A 286 27.21 -19.18 12.18
C THR A 286 26.12 -18.18 12.56
N GLY A 287 24.88 -18.48 12.16
CA GLY A 287 23.73 -17.64 12.48
C GLY A 287 22.64 -17.69 11.44
N GLU A 288 21.68 -16.77 11.53
CA GLU A 288 20.55 -16.72 10.59
C GLU A 288 20.95 -15.96 9.34
N PHE A 289 21.10 -16.68 8.24
CA PHE A 289 21.31 -16.10 6.92
C PHE A 289 19.96 -15.74 6.33
N LYS A 290 19.87 -14.55 5.75
CA LYS A 290 18.65 -14.02 5.20
C LYS A 290 18.76 -13.95 3.68
N PHE A 291 17.91 -14.69 2.99
CA PHE A 291 17.97 -14.84 1.53
C PHE A 291 16.88 -14.03 0.86
N ILE A 292 17.12 -13.66 -0.39
CA ILE A 292 16.12 -13.04 -1.28
C ILE A 292 16.18 -13.69 -2.65
N LEU A 293 15.01 -14.16 -3.10
CA LEU A 293 14.83 -14.76 -4.42
C LEU A 293 14.12 -13.79 -5.34
N TYR A 294 14.71 -13.54 -6.51
CA TYR A 294 14.08 -12.74 -7.57
C TYR A 294 13.66 -13.69 -8.68
N TYR A 295 12.42 -13.58 -9.14
CA TYR A 295 11.86 -14.60 -10.03
C TYR A 295 10.80 -14.12 -11.02
N ALA A 296 10.84 -14.70 -12.21
CA ALA A 296 9.69 -14.82 -13.10
C ALA A 296 9.68 -16.22 -13.66
N GLY A 297 8.62 -16.57 -14.37
CA GLY A 297 8.34 -17.97 -14.62
C GLY A 297 7.93 -18.68 -13.34
N TYR A 298 7.95 -20.01 -13.39
CA TYR A 298 7.64 -20.87 -12.23
C TYR A 298 8.95 -21.17 -11.52
N VAL A 299 8.97 -21.10 -10.18
CA VAL A 299 10.23 -21.32 -9.42
C VAL A 299 9.95 -22.00 -8.09
N LYS A 300 10.82 -22.94 -7.73
CA LYS A 300 10.84 -23.58 -6.41
C LYS A 300 12.27 -23.51 -5.85
N VAL A 301 12.41 -23.41 -4.53
CA VAL A 301 13.74 -23.46 -3.88
C VAL A 301 13.70 -24.47 -2.73
N TYR A 302 14.75 -25.30 -2.68
CA TYR A 302 15.04 -26.20 -1.59
C TYR A 302 16.40 -25.85 -0.99
N LEU A 303 16.47 -25.80 0.34
CA LEU A 303 17.73 -25.58 1.07
C LEU A 303 17.80 -26.61 2.17
N ASN A 304 18.90 -27.35 2.23
CA ASN A 304 19.09 -28.37 3.26
C ASN A 304 17.90 -29.32 3.25
N ASN A 305 17.48 -29.71 2.04
CA ASN A 305 16.36 -30.63 1.79
C ASN A 305 14.96 -30.15 2.27
N GLU A 306 14.82 -28.86 2.56
CA GLU A 306 13.56 -28.27 3.02
C GLU A 306 13.00 -27.45 1.86
N PRO A 307 11.67 -27.53 1.60
CA PRO A 307 11.07 -26.67 0.59
C PRO A 307 10.87 -25.21 1.08
N VAL A 308 11.97 -24.46 1.12
CA VAL A 308 11.96 -23.12 1.67
C VAL A 308 11.18 -22.12 0.81
N VAL A 309 11.07 -22.39 -0.49
CA VAL A 309 10.16 -21.60 -1.34
C VAL A 309 9.32 -22.56 -2.18
N PRO A 310 8.09 -22.87 -1.70
CA PRO A 310 7.13 -23.60 -2.52
C PRO A 310 6.79 -22.81 -3.77
N GLU A 311 6.27 -23.48 -4.80
CA GLU A 311 6.22 -22.88 -6.15
C GLU A 311 5.53 -21.52 -6.19
N ARG A 312 6.22 -20.54 -6.79
CA ARG A 312 5.66 -19.22 -7.09
C ARG A 312 5.76 -18.99 -8.60
N TRP A 313 4.96 -18.04 -9.10
CA TRP A 313 5.01 -17.67 -10.51
C TRP A 313 4.73 -16.21 -10.74
N ARG A 314 5.45 -15.66 -11.72
CA ARG A 314 5.14 -14.37 -12.33
C ARG A 314 5.45 -14.48 -13.81
N THR A 315 4.88 -13.52 -14.54
CA THR A 315 5.17 -13.41 -15.94
C THR A 315 6.50 -12.68 -16.13
N ALA A 316 7.08 -13.21 -17.18
N ALA A 316 7.12 -12.65 -17.34
CA ALA A 316 8.43 -13.09 -17.55
CA ALA A 316 8.28 -11.68 -17.61
C ALA A 316 8.82 -11.65 -17.41
C ALA A 316 7.94 -10.17 -17.64
N TRP A 317 7.87 -10.74 -17.64
N TRP A 317 6.73 -9.84 -18.03
CA TRP A 317 8.10 -9.30 -17.61
CA TRP A 317 6.20 -8.48 -17.86
C TRP A 317 7.67 -8.42 -16.37
C TRP A 317 6.50 -7.95 -16.46
N ASN A 318 6.72 -8.82 -15.46
CA ASN A 318 6.75 -8.30 -14.06
C ASN A 318 7.18 -9.31 -12.96
N PRO A 319 8.48 -9.48 -12.77
CA PRO A 319 9.06 -10.39 -11.78
C PRO A 319 8.78 -9.93 -10.35
N ASN A 320 9.10 -10.76 -9.39
CA ASN A 320 8.89 -10.42 -7.97
C ASN A 320 10.07 -10.89 -7.12
N SER A 321 10.12 -10.40 -5.88
CA SER A 321 11.08 -10.85 -4.85
C SER A 321 10.33 -11.59 -3.74
N TYR A 322 10.93 -12.67 -3.23
CA TYR A 322 10.41 -13.37 -2.04
C TYR A 322 11.58 -13.72 -1.13
N LYS A 323 11.39 -13.59 0.18
CA LYS A 323 12.48 -13.78 1.17
C LYS A 323 12.28 -15.01 2.01
N PHE A 324 13.38 -15.60 2.47
CA PHE A 324 13.34 -16.68 3.46
C PHE A 324 14.65 -16.63 4.23
N ALA A 325 14.66 -17.27 5.39
CA ALA A 325 15.87 -17.27 6.22
C ALA A 325 16.10 -18.64 6.79
N ALA A 326 17.37 -18.91 7.11
CA ALA A 326 17.74 -20.18 7.73
C ALA A 326 18.98 -20.04 8.61
N HIS A 327 18.97 -20.76 9.72
CA HIS A 327 20.17 -20.87 10.57
C HIS A 327 21.15 -21.83 9.91
N LEU A 328 22.39 -21.38 9.70
CA LEU A 328 23.45 -22.22 9.11
C LEU A 328 24.66 -22.17 10.03
N GLU A 329 25.40 -23.28 10.08
CA GLU A 329 26.62 -23.42 10.88
C GLU A 329 27.87 -23.22 10.03
N ALA A 330 28.82 -22.43 10.54
CA ALA A 330 30.09 -22.18 9.86
C ALA A 330 30.78 -23.51 9.49
N GLY A 331 31.31 -23.58 8.27
CA GLY A 331 32.06 -24.77 7.83
C GLY A 331 31.29 -26.02 7.46
N LYS A 332 29.96 -25.97 7.49
CA LYS A 332 29.14 -27.13 7.13
C LYS A 332 28.52 -26.90 5.77
N ARG A 333 28.62 -27.90 4.90
CA ARG A 333 28.03 -27.82 3.57
C ARG A 333 26.58 -28.18 3.66
N VAL A 334 25.72 -27.42 2.99
CA VAL A 334 24.31 -27.78 2.91
CA VAL A 334 24.27 -27.62 2.94
C VAL A 334 23.84 -27.72 1.46
N PRO A 335 22.97 -28.67 1.09
CA PRO A 335 22.49 -28.67 -0.29
C PRO A 335 21.54 -27.51 -0.62
N LEU A 336 21.64 -27.05 -1.85
CA LEU A 336 20.77 -26.00 -2.39
C LEU A 336 20.31 -26.43 -3.76
N LYS A 337 19.02 -26.29 -4.02
CA LYS A 337 18.48 -26.57 -5.36
C LYS A 337 17.41 -25.53 -5.73
N ILE A 338 17.53 -24.96 -6.91
CA ILE A 338 16.51 -24.08 -7.48
C ILE A 338 16.00 -24.77 -8.73
N GLU A 339 14.69 -24.94 -8.82
CA GLU A 339 14.04 -25.42 -10.04
C GLU A 339 13.24 -24.29 -10.66
N TRP A 340 13.46 -24.04 -11.96
CA TRP A 340 12.99 -22.84 -12.64
C TRP A 340 12.45 -23.20 -14.02
N GLN A 341 11.22 -22.82 -14.29
CA GLN A 341 10.66 -22.90 -15.66
C GLN A 341 10.45 -21.49 -16.15
N PRO A 342 11.39 -20.95 -16.95
CA PRO A 342 11.35 -19.54 -17.33
C PRO A 342 10.01 -19.02 -17.87
N ASP A 343 9.32 -19.85 -18.64
CA ASP A 343 7.96 -19.53 -19.12
C ASP A 343 7.91 -18.29 -20.05
N GLY A 344 9.02 -18.03 -20.71
CA GLY A 344 9.10 -16.93 -21.66
C GLY A 344 10.46 -16.89 -22.32
N GLY A 345 10.56 -16.22 -23.45
CA GLY A 345 11.84 -16.01 -24.11
C GLY A 345 12.80 -15.19 -23.26
N GLN A 346 12.23 -14.25 -22.50
CA GLN A 346 12.99 -13.52 -21.49
CA GLN A 346 12.93 -13.47 -21.50
C GLN A 346 12.37 -13.87 -20.14
N SER A 347 13.21 -14.08 -19.14
CA SER A 347 12.72 -14.40 -17.78
C SER A 347 13.85 -14.09 -16.78
N TYR A 348 13.58 -14.26 -15.49
CA TYR A 348 14.48 -13.82 -14.42
C TYR A 348 14.58 -14.88 -13.32
N CYS A 349 15.78 -15.02 -12.76
CA CYS A 349 16.03 -15.90 -11.60
C CYS A 349 17.30 -15.44 -10.90
N GLY A 350 17.21 -15.13 -9.62
CA GLY A 350 18.39 -14.79 -8.83
C GLY A 350 18.24 -15.08 -7.38
N LEU A 351 19.34 -15.44 -6.72
CA LEU A 351 19.33 -15.69 -5.29
C LEU A 351 20.53 -15.00 -4.65
N ARG A 352 20.25 -14.18 -3.65
CA ARG A 352 21.26 -13.44 -2.90
C ARG A 352 21.00 -13.58 -1.40
N ALA A 353 21.96 -13.14 -0.57
CA ALA A 353 21.81 -13.25 0.87
C ALA A 353 22.58 -12.22 1.67
N LEU A 354 22.16 -12.06 2.93
CA LEU A 354 22.87 -11.28 3.94
C LEU A 354 23.46 -12.20 4.96
N THR A 355 24.69 -11.91 5.40
CA THR A 355 25.29 -12.64 6.50
C THR A 355 24.57 -12.34 7.83
N PRO A 356 24.69 -13.22 8.81
CA PRO A 356 23.96 -13.04 10.07
C PRO A 356 24.30 -11.76 10.79
N VAL A 357 23.27 -11.12 11.32
CA VAL A 357 23.43 -9.95 12.19
C VAL A 357 23.01 -10.37 13.58
N ASN A 358 23.84 -10.02 14.57
CA ASN A 358 23.54 -10.30 15.95
C ASN A 358 22.11 -9.85 16.26
N PRO A 359 21.28 -10.72 16.86
CA PRO A 359 19.90 -10.34 17.16
C PRO A 359 19.72 -9.04 17.97
N GLU A 360 20.69 -8.71 18.84
CA GLU A 360 20.66 -7.44 19.59
C GLU A 360 20.67 -6.25 18.64
N GLU A 361 21.41 -6.33 17.54
CA GLU A 361 21.44 -5.26 16.53
C GLU A 361 20.30 -5.39 15.52
N GLN A 362 20.01 -6.63 15.07
CA GLN A 362 18.97 -6.83 14.07
C GLN A 362 17.59 -6.47 14.59
N GLY A 363 17.38 -6.55 15.91
CA GLY A 363 16.11 -6.14 16.48
C GLY A 363 15.87 -4.64 16.61
N LYS A 364 16.93 -3.85 16.49
CA LYS A 364 16.80 -2.39 16.56
C LYS A 364 16.02 -1.83 15.37
N GLN A 365 15.46 -0.63 15.56
CA GLN A 365 14.78 0.10 14.50
C GLN A 365 15.84 0.92 13.77
N SER A 366 16.19 0.50 12.56
CA SER A 366 17.27 1.11 11.78
CA SER A 366 17.26 1.12 11.79
C SER A 366 16.76 1.69 10.47
N TRP A 367 17.07 2.95 10.22
CA TRP A 367 16.76 3.61 8.96
C TRP A 367 18.05 4.00 8.26
N TRP A 368 18.11 3.80 6.94
CA TRP A 368 19.23 4.22 6.10
C TRP A 368 18.66 4.99 4.93
N SER A 369 19.29 6.12 4.59
CA SER A 369 18.83 6.97 3.48
C SER A 369 20.03 7.34 2.61
N GLU A 370 19.95 7.04 1.31
CA GLU A 370 21.08 7.29 0.41
C GLU A 370 21.49 8.78 0.26
N MET A 371 20.53 9.70 0.17
CA MET A 371 20.89 11.10 -0.11
C MET A 371 19.82 12.09 0.32
N THR A 372 20.17 12.94 1.30
CA THR A 372 19.37 14.10 1.71
C THR A 372 20.35 15.24 2.03
N LYS A 373 19.84 16.43 2.31
CA LYS A 373 20.69 17.55 2.69
C LYS A 373 20.99 17.59 4.19
N GLN A 374 20.15 16.91 4.98
CA GLN A 374 20.28 16.75 6.41
C GLN A 374 19.36 15.58 6.83
N LEU A 375 19.42 15.16 8.09
CA LEU A 375 18.44 14.21 8.63
C LEU A 375 17.20 14.97 9.10
N ASP A 376 16.05 14.57 8.60
CA ASP A 376 14.77 15.08 9.09
C ASP A 376 13.83 13.90 9.35
N TYR A 377 13.32 13.78 10.58
CA TYR A 377 12.27 12.79 10.85
C TYR A 377 11.21 13.36 11.78
N TYR A 378 10.03 12.76 11.75
CA TYR A 378 8.92 13.22 12.57
C TYR A 378 8.46 12.09 13.48
N PHE A 379 8.36 12.40 14.78
CA PHE A 379 7.84 11.50 15.82
C PHE A 379 6.42 11.92 16.12
N MET A 380 5.49 10.98 16.10
CA MET A 380 4.12 11.27 16.50
C MET A 380 3.61 10.25 17.50
N ALA A 381 3.25 10.72 18.71
CA ALA A 381 2.74 9.84 19.76
C ALA A 381 1.22 9.79 19.69
N GLY A 382 0.64 8.71 20.20
CA GLY A 382 -0.80 8.59 20.28
C GLY A 382 -1.29 7.77 21.46
N GLU A 383 -2.57 7.92 21.77
CA GLU A 383 -3.26 7.08 22.77
C GLU A 383 -3.47 5.67 22.25
N ASN A 384 -3.49 5.54 20.92
CA ASN A 384 -3.67 4.28 20.25
C ASN A 384 -3.18 4.44 18.80
N MET A 385 -3.23 3.38 18.01
CA MET A 385 -2.69 3.44 16.65
CA MET A 385 -2.73 3.44 16.62
C MET A 385 -3.50 4.39 15.73
N ASP A 386 -4.82 4.50 15.91
CA ASP A 386 -5.59 5.52 15.17
C ASP A 386 -5.09 6.95 15.47
N ASP A 387 -4.72 7.20 16.72
CA ASP A 387 -4.24 8.53 17.11
C ASP A 387 -2.86 8.82 16.49
N VAL A 388 -2.04 7.79 16.33
CA VAL A 388 -0.78 7.91 15.60
C VAL A 388 -1.06 8.30 14.13
N ILE A 389 -1.99 7.60 13.49
CA ILE A 389 -2.40 7.91 12.11
CA ILE A 389 -2.35 7.94 12.11
C ILE A 389 -2.92 9.36 12.02
N SER A 390 -3.66 9.79 13.04
CA SER A 390 -4.11 11.18 13.06
C SER A 390 -2.92 12.16 13.03
N GLY A 391 -1.85 11.87 13.77
CA GLY A 391 -0.61 12.67 13.68
C GLY A 391 -0.04 12.74 12.27
N TYR A 392 0.00 11.58 11.61
CA TYR A 392 0.44 11.50 10.22
C TYR A 392 -0.45 12.37 9.28
N ARG A 393 -1.78 12.35 9.50
CA ARG A 393 -2.71 13.15 8.69
C ARG A 393 -2.55 14.63 9.00
N SER A 394 -2.33 14.97 10.27
CA SER A 394 -1.99 16.37 10.60
C SER A 394 -0.75 16.83 9.84
N LEU A 395 0.32 16.03 9.88
CA LEU A 395 1.59 16.42 9.29
C LEU A 395 1.59 16.39 7.76
N THR A 396 0.91 15.42 7.15
CA THR A 396 0.99 15.25 5.69
C THR A 396 -0.32 15.47 4.93
N GLY A 397 -1.38 15.83 5.66
CA GLY A 397 -2.65 16.25 5.08
C GLY A 397 -3.76 15.24 5.34
N LYS A 398 -4.96 15.75 5.60
CA LYS A 398 -6.14 14.91 5.76
C LYS A 398 -6.55 14.26 4.44
N SER A 399 -7.11 13.07 4.53
CA SER A 399 -7.70 12.39 3.36
C SER A 399 -9.14 12.89 3.14
N PRO A 400 -9.43 13.52 1.97
CA PRO A 400 -10.83 13.83 1.68
C PRO A 400 -11.75 12.62 1.66
N VAL A 401 -13.04 12.87 1.83
CA VAL A 401 -14.04 11.79 1.68
C VAL A 401 -14.09 11.41 0.19
N MET A 402 -13.80 10.16 -0.15
CA MET A 402 -13.93 9.75 -1.54
C MET A 402 -15.38 9.96 -2.01
N PRO A 403 -15.56 10.28 -3.31
CA PRO A 403 -16.94 10.33 -3.81
C PRO A 403 -17.66 9.00 -3.53
N LYS A 404 -18.95 9.07 -3.21
CA LYS A 404 -19.67 7.88 -2.75
C LYS A 404 -19.62 6.76 -3.80
N TRP A 405 -19.73 7.13 -5.06
CA TRP A 405 -19.67 6.16 -6.15
C TRP A 405 -18.38 5.33 -6.14
N ALA A 406 -17.27 5.89 -5.67
CA ALA A 406 -16.01 5.15 -5.55
C ALA A 406 -16.06 3.99 -4.57
N MET A 407 -17.01 4.01 -3.65
CA MET A 407 -17.23 2.95 -2.66
C MET A 407 -18.05 1.77 -3.19
N GLY A 408 -18.61 1.90 -4.40
CA GLY A 408 -19.29 0.79 -5.07
C GLY A 408 -18.37 -0.10 -5.87
N PHE A 409 -18.95 -1.02 -6.64
CA PHE A 409 -18.16 -1.95 -7.43
C PHE A 409 -17.60 -1.27 -8.69
N TRP A 410 -16.34 -1.57 -9.01
CA TRP A 410 -15.64 -1.10 -10.21
C TRP A 410 -15.35 -2.31 -11.12
N GLN A 411 -15.82 -2.26 -12.36
CA GLN A 411 -15.45 -3.25 -13.38
C GLN A 411 -14.44 -2.67 -14.34
N SER A 412 -13.34 -3.40 -14.53
CA SER A 412 -12.29 -3.00 -15.46
C SER A 412 -11.88 -4.15 -16.35
N ARG A 413 -11.05 -3.83 -17.35
CA ARG A 413 -10.45 -4.84 -18.26
C ARG A 413 -9.14 -4.29 -18.81
N GLU A 414 -8.18 -5.19 -19.08
CA GLU A 414 -7.01 -4.86 -19.95
C GLU A 414 -7.27 -5.62 -21.25
N LYS A 415 -7.98 -5.06 -22.23
CA LYS A 415 -8.60 -3.72 -22.26
C LYS A 415 -9.94 -3.81 -22.98
N TYR A 416 -10.88 -2.91 -22.68
CA TYR A 416 -12.04 -2.74 -23.59
C TYR A 416 -11.47 -2.13 -24.86
N ASN A 417 -11.67 -2.83 -25.98
CA ASN A 417 -11.05 -2.42 -27.27
C ASN A 417 -11.86 -1.43 -28.08
N THR A 418 -13.17 -1.38 -27.82
CA THR A 418 -14.09 -0.51 -28.55
C THR A 418 -15.14 0.09 -27.64
N GLN A 419 -15.77 1.13 -28.14
CA GLN A 419 -16.92 1.77 -27.50
C GLN A 419 -18.06 0.78 -27.24
N GLU A 420 -18.38 -0.04 -28.25
CA GLU A 420 -19.40 -1.07 -28.11
C GLU A 420 -19.09 -2.07 -26.98
N GLU A 421 -17.83 -2.48 -26.85
CA GLU A 421 -17.46 -3.43 -25.83
C GLU A 421 -17.65 -2.88 -24.41
N MET A 422 -17.21 -1.65 -24.20
CA MET A 422 -17.31 -1.01 -22.90
CA MET A 422 -17.32 -1.04 -22.87
C MET A 422 -18.79 -0.84 -22.50
N LEU A 423 -19.58 -0.26 -23.42
CA LEU A 423 -20.99 -0.02 -23.14
C LEU A 423 -21.75 -1.34 -22.94
N GLY A 424 -21.38 -2.36 -23.70
CA GLY A 424 -21.98 -3.69 -23.57
C GLY A 424 -21.76 -4.33 -22.20
N ALA A 425 -20.56 -4.15 -21.66
CA ALA A 425 -20.24 -4.65 -20.32
C ALA A 425 -21.10 -3.97 -19.27
N LEU A 426 -21.19 -2.64 -19.31
CA LEU A 426 -22.01 -1.89 -18.36
C LEU A 426 -23.49 -2.30 -18.45
N LYS A 427 -24.01 -2.39 -19.68
CA LYS A 427 -25.42 -2.77 -19.86
C LYS A 427 -25.66 -4.20 -19.34
N GLY A 428 -24.65 -5.06 -19.46
CA GLY A 428 -24.68 -6.40 -18.93
C GLY A 428 -24.93 -6.50 -17.42
N PHE A 429 -24.34 -5.59 -16.65
CA PHE A 429 -24.63 -5.50 -15.21
C PHE A 429 -26.07 -5.06 -14.94
N ARG A 430 -26.49 -4.00 -15.62
CA ARG A 430 -27.84 -3.47 -15.43
C ARG A 430 -28.92 -4.49 -15.77
N ASP A 431 -28.74 -5.16 -16.90
CA ASP A 431 -29.69 -6.18 -17.35
C ASP A 431 -29.74 -7.43 -16.43
N ARG A 432 -28.64 -7.73 -15.75
CA ARG A 432 -28.60 -8.87 -14.81
C ARG A 432 -28.91 -8.48 -13.35
N LYS A 433 -29.16 -7.20 -13.09
CA LYS A 433 -29.37 -6.69 -11.74
C LYS A 433 -28.20 -7.04 -10.81
N ILE A 434 -26.99 -6.94 -11.37
CA ILE A 434 -25.77 -7.05 -10.59
C ILE A 434 -25.28 -5.62 -10.40
N PRO A 435 -25.25 -5.13 -9.15
CA PRO A 435 -24.97 -3.71 -8.95
C PRO A 435 -23.53 -3.31 -9.31
N LEU A 436 -23.37 -2.05 -9.71
CA LEU A 436 -22.08 -1.52 -10.18
C LEU A 436 -22.17 -0.01 -10.27
N ASP A 437 -21.10 0.69 -9.87
CA ASP A 437 -20.97 2.13 -10.07
C ASP A 437 -20.04 2.56 -11.18
N ASN A 438 -18.89 1.89 -11.33
CA ASN A 438 -17.76 2.42 -12.11
C ASN A 438 -17.30 1.46 -13.18
N ILE A 439 -16.98 2.01 -14.35
CA ILE A 439 -16.42 1.24 -15.46
C ILE A 439 -15.18 1.96 -15.97
N VAL A 440 -14.15 1.19 -16.35
CA VAL A 440 -12.81 1.73 -16.57
C VAL A 440 -12.33 1.42 -17.98
N LEU A 441 -11.82 2.44 -18.66
CA LEU A 441 -11.15 2.32 -19.94
C LEU A 441 -9.63 2.39 -19.76
N ASP A 442 -8.94 1.34 -20.19
CA ASP A 442 -7.49 1.20 -20.06
C ASP A 442 -6.78 1.93 -21.22
N TRP A 443 -5.47 1.69 -21.29
CA TRP A 443 -4.58 2.18 -22.35
C TRP A 443 -5.02 1.81 -23.78
N ASN A 444 -4.35 2.43 -24.75
CA ASN A 444 -4.46 2.09 -26.17
C ASN A 444 -5.86 2.28 -26.75
N HIS A 445 -6.55 3.28 -26.20
CA HIS A 445 -7.80 3.80 -26.77
C HIS A 445 -7.48 4.87 -27.82
N TRP A 446 -6.21 5.26 -27.89
CA TRP A 446 -5.65 6.20 -28.86
C TRP A 446 -5.22 5.48 -30.15
N PRO A 447 -5.06 6.25 -31.27
CA PRO A 447 -4.43 5.62 -32.44
C PRO A 447 -3.07 5.05 -32.08
N GLU A 448 -2.76 3.85 -32.56
CA GLU A 448 -1.55 3.12 -32.11
C GLU A 448 -0.26 3.97 -32.04
N ASN A 449 -0.01 4.81 -33.05
CA ASN A 449 1.25 5.58 -33.11
C ASN A 449 1.25 6.91 -32.34
N ALA A 450 0.25 7.12 -31.48
CA ALA A 450 0.02 8.44 -30.87
C ALA A 450 -0.25 8.41 -29.35
N TRP A 451 0.46 7.55 -28.64
CA TRP A 451 0.48 7.56 -27.16
C TRP A 451 0.84 8.94 -26.65
N GLY A 452 -0.04 9.54 -25.86
CA GLY A 452 0.18 10.85 -25.26
C GLY A 452 -0.55 11.96 -25.98
N SER A 453 -1.14 11.65 -27.15
CA SER A 453 -1.99 12.62 -27.88
C SER A 453 -3.33 12.88 -27.20
N HIS A 454 -3.79 11.90 -26.42
CA HIS A 454 -5.07 11.95 -25.72
C HIS A 454 -6.26 12.06 -26.67
N GLU A 455 -6.09 11.53 -27.88
CA GLU A 455 -7.15 11.45 -28.86
C GLU A 455 -7.57 9.99 -28.97
N PHE A 456 -8.84 9.76 -29.31
CA PHE A 456 -9.39 8.42 -29.44
C PHE A 456 -9.25 7.92 -30.87
N ASP A 457 -8.99 6.62 -31.00
CA ASP A 457 -9.02 5.92 -32.30
C ASP A 457 -10.47 5.88 -32.74
N LYS A 458 -10.84 6.70 -33.71
CA LYS A 458 -12.26 6.81 -34.13
C LYS A 458 -12.85 5.58 -34.86
N ALA A 459 -12.01 4.69 -35.36
CA ALA A 459 -12.48 3.39 -35.85
C ALA A 459 -13.08 2.53 -34.72
N ARG A 460 -12.51 2.63 -33.52
CA ARG A 460 -12.94 1.83 -32.36
C ARG A 460 -13.87 2.59 -31.41
N PHE A 461 -13.67 3.89 -31.31
CA PHE A 461 -14.47 4.76 -30.47
C PHE A 461 -15.00 5.91 -31.31
N PRO A 462 -16.05 5.65 -32.13
CA PRO A 462 -16.49 6.70 -33.08
C PRO A 462 -17.06 7.98 -32.47
N ASP A 463 -17.59 7.93 -31.24
CA ASP A 463 -18.15 9.11 -30.59
C ASP A 463 -17.90 9.05 -29.07
N PRO A 464 -16.68 9.41 -28.65
CA PRO A 464 -16.34 9.32 -27.23
C PRO A 464 -17.25 10.09 -26.29
N LYS A 465 -17.68 11.29 -26.68
CA LYS A 465 -18.63 12.05 -25.86
C LYS A 465 -19.97 11.31 -25.71
N ALA A 466 -20.49 10.76 -26.81
CA ALA A 466 -21.74 9.95 -26.71
C ALA A 466 -21.53 8.73 -25.80
N MET A 467 -20.35 8.11 -25.84
CA MET A 467 -20.05 6.97 -24.94
C MET A 467 -20.15 7.39 -23.47
N VAL A 468 -19.52 8.51 -23.10
CA VAL A 468 -19.52 8.94 -21.70
C VAL A 468 -20.92 9.35 -21.29
N ASP A 469 -21.64 10.04 -22.19
CA ASP A 469 -23.03 10.35 -21.90
C ASP A 469 -23.89 9.09 -21.63
N SER A 470 -23.66 8.02 -22.41
CA SER A 470 -24.38 6.76 -22.22
C SER A 470 -24.03 6.08 -20.89
N ILE A 471 -22.76 6.13 -20.52
CA ILE A 471 -22.33 5.61 -19.21
C ILE A 471 -23.08 6.36 -18.09
N HIS A 472 -23.12 7.69 -18.21
CA HIS A 472 -23.83 8.51 -17.23
CA HIS A 472 -23.82 8.50 -17.21
C HIS A 472 -25.33 8.26 -17.21
N ALA A 473 -25.91 8.06 -18.40
CA ALA A 473 -27.34 7.74 -18.49
C ALA A 473 -27.69 6.41 -17.79
N MET A 474 -26.72 5.50 -17.74
CA MET A 474 -26.86 4.25 -16.99
C MET A 474 -26.38 4.37 -15.53
N HIS A 475 -26.28 5.61 -15.03
CA HIS A 475 -25.96 5.91 -13.63
C HIS A 475 -24.62 5.31 -13.22
N ALA A 476 -23.68 5.31 -14.16
CA ALA A 476 -22.32 4.87 -13.84
C ALA A 476 -21.32 6.02 -14.01
N ARG A 477 -20.10 5.77 -13.56
CA ARG A 477 -19.00 6.72 -13.66
CA ARG A 477 -19.03 6.74 -13.67
C ARG A 477 -17.89 6.11 -14.49
N MET A 478 -17.17 6.97 -15.23
CA MET A 478 -16.06 6.50 -16.07
C MET A 478 -14.70 6.97 -15.56
N MET A 479 -13.75 6.04 -15.53
CA MET A 479 -12.34 6.32 -15.30
C MET A 479 -11.56 5.97 -16.55
N ILE A 480 -10.53 6.75 -16.84
CA ILE A 480 -9.64 6.51 -18.00
C ILE A 480 -8.18 6.49 -17.59
N SER A 481 -7.42 5.64 -18.26
CA SER A 481 -5.98 5.55 -18.12
C SER A 481 -5.26 6.75 -18.71
N VAL A 482 -4.37 7.37 -17.91
CA VAL A 482 -3.45 8.43 -18.37
CA VAL A 482 -3.45 8.38 -18.43
C VAL A 482 -2.07 8.16 -17.79
N TRP A 483 -1.10 7.84 -18.64
CA TRP A 483 0.30 7.63 -18.25
C TRP A 483 1.05 8.98 -18.26
N PRO A 484 2.27 9.04 -17.67
CA PRO A 484 3.16 10.21 -17.82
C PRO A 484 4.06 10.11 -19.07
N LYS A 485 3.66 9.24 -20.02
CA LYS A 485 4.44 8.76 -21.17
C LYS A 485 3.90 9.40 -22.44
N PHE A 486 4.82 9.85 -23.30
CA PHE A 486 4.45 10.54 -24.56
C PHE A 486 5.38 10.05 -25.67
N TYR A 487 4.80 9.65 -26.81
CA TYR A 487 5.62 9.33 -27.97
C TYR A 487 6.30 10.60 -28.53
N VAL A 488 7.53 10.42 -29.02
CA VAL A 488 8.36 11.55 -29.46
C VAL A 488 7.74 12.32 -30.62
N THR A 489 6.85 11.68 -31.38
CA THR A 489 6.19 12.33 -32.53
C THR A 489 5.01 13.21 -32.19
N THR A 490 4.51 13.15 -30.94
CA THR A 490 3.33 13.89 -30.54
C THR A 490 3.62 15.36 -30.22
N GLU A 491 2.64 16.20 -30.53
CA GLU A 491 2.69 17.63 -30.18
CA GLU A 491 2.73 17.62 -30.19
C GLU A 491 2.86 17.79 -28.67
N HIS A 492 2.14 16.97 -27.89
CA HIS A 492 2.24 17.05 -26.42
C HIS A 492 3.67 16.77 -25.92
N PHE A 493 4.34 15.74 -26.45
CA PHE A 493 5.77 15.47 -26.14
C PHE A 493 6.61 16.70 -26.42
N LYS A 494 6.41 17.26 -27.61
CA LYS A 494 7.21 18.40 -28.05
C LYS A 494 6.98 19.64 -27.16
N GLU A 495 5.76 19.84 -26.66
CA GLU A 495 5.51 20.93 -25.70
C GLU A 495 6.36 20.79 -24.43
N PHE A 496 6.40 19.61 -23.84
CA PHE A 496 7.29 19.36 -22.71
C PHE A 496 8.76 19.55 -23.12
N ASP A 497 9.14 18.93 -24.23
CA ASP A 497 10.55 18.84 -24.61
C ASP A 497 11.17 20.21 -24.86
N GLU A 498 10.42 21.09 -25.53
CA GLU A 498 10.94 22.44 -25.84
C GLU A 498 11.16 23.29 -24.58
N ASN A 499 10.50 22.93 -23.46
CA ASN A 499 10.67 23.60 -22.17
C ASN A 499 11.67 22.91 -21.23
N GLY A 500 12.27 21.81 -21.67
CA GLY A 500 13.21 21.05 -20.85
C GLY A 500 12.55 20.12 -19.82
N TRP A 501 11.30 19.74 -20.06
CA TRP A 501 10.49 19.02 -19.04
C TRP A 501 10.30 17.53 -19.32
N MET A 502 11.03 16.98 -20.30
CA MET A 502 11.02 15.54 -20.60
CA MET A 502 11.02 15.57 -20.63
C MET A 502 12.34 14.93 -20.19
N TYR A 503 12.30 13.80 -19.47
CA TYR A 503 13.52 13.07 -19.18
C TYR A 503 14.12 12.61 -20.52
N GLN A 504 15.42 12.79 -20.72
CA GLN A 504 16.06 12.54 -22.02
C GLN A 504 16.68 11.17 -22.24
N GLN A 505 17.01 10.47 -21.17
CA GLN A 505 17.76 9.22 -21.33
C GLN A 505 17.06 8.20 -22.25
N SER A 506 15.75 8.02 -22.07
CA SER A 506 15.01 7.07 -22.93
C SER A 506 15.02 7.48 -24.41
N VAL A 507 15.10 8.79 -24.64
CA VAL A 507 15.13 9.34 -26.00
C VAL A 507 16.55 9.16 -26.58
N LYS A 508 17.55 9.59 -25.83
CA LYS A 508 18.96 9.47 -26.22
C LYS A 508 19.36 8.03 -26.56
N ASP A 509 18.86 7.07 -25.77
CA ASP A 509 19.16 5.65 -25.95
C ASP A 509 18.27 4.92 -26.97
N SER A 510 17.35 5.65 -27.61
CA SER A 510 16.48 5.13 -28.69
C SER A 510 15.63 3.94 -28.23
N LEU A 511 15.14 4.00 -27.00
CA LEU A 511 14.34 2.89 -26.49
C LEU A 511 13.03 2.84 -27.26
N LYS A 512 12.60 1.61 -27.59
CA LYS A 512 11.31 1.38 -28.21
C LYS A 512 10.44 0.60 -27.24
N ASP A 513 9.16 0.95 -27.17
CA ASP A 513 8.20 0.21 -26.34
C ASP A 513 7.72 -1.08 -27.04
N TRP A 514 6.69 -1.70 -26.48
CA TRP A 514 6.24 -3.04 -26.85
C TRP A 514 5.08 -3.02 -27.86
N VAL A 515 4.60 -1.84 -28.24
CA VAL A 515 3.38 -1.70 -29.02
C VAL A 515 3.69 -1.77 -30.52
N GLY A 516 3.06 -2.72 -31.21
CA GLY A 516 3.23 -2.82 -32.67
C GLY A 516 4.70 -2.97 -33.02
N PRO A 517 5.24 -2.11 -33.91
CA PRO A 517 6.66 -2.22 -34.28
C PRO A 517 7.63 -1.66 -33.22
N GLY A 518 7.10 -0.96 -32.20
CA GLY A 518 7.93 -0.38 -31.15
C GLY A 518 8.10 1.10 -31.46
N TYR A 519 7.78 1.94 -30.48
CA TYR A 519 7.79 3.39 -30.67
C TYR A 519 8.70 4.06 -29.66
N HIS A 520 9.34 5.15 -30.10
CA HIS A 520 10.21 5.97 -29.24
C HIS A 520 9.34 6.83 -28.34
N TYR A 521 9.82 7.09 -27.12
CA TYR A 521 9.00 7.73 -26.10
C TYR A 521 9.84 8.36 -24.99
N GLY A 522 9.17 9.21 -24.19
CA GLY A 522 9.74 9.67 -22.92
C GLY A 522 8.68 9.89 -21.86
N PHE A 523 9.14 10.11 -20.63
CA PHE A 523 8.28 10.47 -19.48
C PHE A 523 8.56 11.90 -19.01
N TYR A 524 7.51 12.63 -18.63
CA TYR A 524 7.67 14.04 -18.19
C TYR A 524 8.18 14.15 -16.74
N ASP A 525 8.80 15.29 -16.42
CA ASP A 525 9.33 15.54 -15.08
C ASP A 525 8.25 16.11 -14.16
N ALA A 526 7.62 15.22 -13.39
CA ALA A 526 6.57 15.61 -12.45
C ALA A 526 7.06 16.53 -11.31
N TYR A 527 8.36 16.58 -11.03
CA TYR A 527 8.91 17.48 -10.00
C TYR A 527 8.93 18.96 -10.42
N ASP A 528 8.78 19.24 -11.72
CA ASP A 528 8.71 20.64 -12.18
C ASP A 528 7.28 21.18 -12.10
N PRO A 529 7.06 22.28 -11.37
CA PRO A 529 5.67 22.76 -11.18
C PRO A 529 4.97 23.23 -12.46
N ASP A 530 5.74 23.78 -13.41
CA ASP A 530 5.15 24.16 -14.69
C ASP A 530 4.87 22.96 -15.59
N ALA A 531 5.71 21.92 -15.52
CA ALA A 531 5.42 20.67 -16.22
C ALA A 531 4.13 20.03 -15.68
N ARG A 532 3.92 20.07 -14.36
CA ARG A 532 2.65 19.57 -13.78
C ARG A 532 1.44 20.31 -14.34
N LYS A 533 1.53 21.63 -14.45
CA LYS A 533 0.43 22.40 -14.99
C LYS A 533 0.13 22.04 -16.43
N LEU A 534 1.18 21.84 -17.24
CA LEU A 534 1.01 21.47 -18.64
C LEU A 534 0.41 20.07 -18.77
N PHE A 535 0.86 19.13 -17.91
CA PHE A 535 0.35 17.76 -17.92
C PHE A 535 -1.17 17.75 -17.66
N TRP A 536 -1.61 18.48 -16.62
CA TRP A 536 -3.03 18.65 -16.38
C TRP A 536 -3.72 19.39 -17.53
N LYS A 537 -3.14 20.49 -18.01
CA LYS A 537 -3.79 21.24 -19.10
C LYS A 537 -4.11 20.36 -20.34
N GLN A 538 -3.21 19.46 -20.70
CA GLN A 538 -3.44 18.56 -21.83
C GLN A 538 -4.64 17.62 -21.56
N MET A 539 -4.72 17.10 -20.33
CA MET A 539 -5.88 16.29 -19.92
C MET A 539 -7.17 17.09 -19.92
N TYR A 540 -7.08 18.35 -19.46
CA TYR A 540 -8.21 19.26 -19.42
C TYR A 540 -8.76 19.58 -20.81
N GLU A 541 -7.87 19.73 -21.79
CA GLU A 541 -8.31 20.09 -23.14
CA GLU A 541 -8.27 20.08 -23.16
C GLU A 541 -8.86 18.90 -23.91
N HIS A 542 -8.36 17.69 -23.64
CA HIS A 542 -8.71 16.50 -24.42
C HIS A 542 -9.70 15.55 -23.76
N TYR A 543 -9.62 15.36 -22.44
CA TYR A 543 -10.47 14.36 -21.75
C TYR A 543 -11.60 14.96 -20.92
N TYR A 544 -11.31 16.04 -20.19
CA TYR A 544 -12.28 16.65 -19.27
C TYR A 544 -13.59 17.05 -19.94
N PRO A 545 -13.56 17.65 -21.15
CA PRO A 545 -14.85 17.99 -21.80
C PRO A 545 -15.76 16.80 -22.14
N LEU A 546 -15.19 15.59 -22.20
CA LEU A 546 -15.99 14.39 -22.44
C LEU A 546 -16.84 14.01 -21.22
N GLY A 547 -16.53 14.57 -20.04
CA GLY A 547 -17.25 14.26 -18.82
C GLY A 547 -16.68 13.11 -18.00
N ILE A 548 -15.43 12.75 -18.27
CA ILE A 548 -14.75 11.68 -17.54
C ILE A 548 -14.65 12.05 -16.05
N ASP A 549 -14.97 11.10 -15.16
CA ASP A 549 -15.16 11.34 -13.73
C ASP A 549 -13.91 11.09 -12.88
N ALA A 550 -13.02 10.25 -13.37
CA ALA A 550 -11.93 9.71 -12.54
C ALA A 550 -10.72 9.41 -13.41
N TRP A 551 -9.54 9.48 -12.80
CA TRP A 551 -8.27 9.41 -13.49
C TRP A 551 -7.40 8.27 -13.01
N TRP A 552 -7.02 7.39 -13.93
CA TRP A 552 -6.22 6.21 -13.60
C TRP A 552 -4.76 6.52 -13.99
N MET A 553 -3.97 6.96 -13.01
CA MET A 553 -2.64 7.54 -13.28
C MET A 553 -1.61 6.44 -13.16
N ASP A 554 -1.43 5.74 -14.27
CA ASP A 554 -0.63 4.52 -14.29
C ASP A 554 0.85 4.89 -14.37
N ALA A 555 1.71 3.93 -14.04
CA ALA A 555 3.14 4.00 -14.30
C ALA A 555 3.86 5.16 -13.63
N SER A 556 3.38 5.52 -12.43
CA SER A 556 3.84 6.71 -11.72
C SER A 556 5.06 6.45 -10.81
N GLU A 557 5.79 5.35 -11.05
CA GLU A 557 7.03 5.05 -10.31
C GLU A 557 8.20 6.06 -10.44
N PRO A 558 8.51 6.68 -11.59
CA PRO A 558 7.93 6.45 -12.93
C PRO A 558 8.56 5.23 -13.61
N ASN A 559 7.73 4.45 -14.29
CA ASN A 559 8.18 3.21 -14.94
C ASN A 559 8.64 3.49 -16.37
N VAL A 560 9.83 4.08 -16.49
CA VAL A 560 10.34 4.49 -17.80
C VAL A 560 10.73 3.26 -18.65
N ARG A 561 11.39 2.26 -18.06
CA ARG A 561 11.78 1.03 -18.74
CA ARG A 561 11.74 1.02 -18.75
C ARG A 561 11.77 -0.15 -17.76
N ASP A 562 10.99 -1.19 -18.06
CA ASP A 562 10.94 -2.42 -17.23
C ASP A 562 12.30 -3.13 -17.10
N CYS A 563 12.50 -3.73 -15.92
CA CYS A 563 13.54 -4.73 -15.67
C CYS A 563 14.96 -4.18 -15.83
N THR A 564 15.12 -2.89 -15.50
CA THR A 564 16.43 -2.24 -15.55
C THR A 564 17.02 -2.16 -14.15
N ASP A 565 18.36 -2.15 -14.06
CA ASP A 565 19.01 -2.08 -12.74
C ASP A 565 18.89 -0.70 -12.09
N LEU A 566 19.25 -0.62 -10.82
CA LEU A 566 19.10 0.61 -10.04
C LEU A 566 19.79 1.80 -10.68
N GLU A 567 21.04 1.60 -11.11
CA GLU A 567 21.83 2.64 -11.75
C GLU A 567 21.12 3.21 -12.98
N TYR A 568 20.63 2.34 -13.85
CA TYR A 568 19.98 2.79 -15.08
C TYR A 568 18.59 3.39 -14.78
N ARG A 569 17.88 2.86 -13.78
CA ARG A 569 16.58 3.47 -13.41
C ARG A 569 16.80 4.92 -12.98
N LYS A 570 17.87 5.18 -12.21
CA LYS A 570 18.23 6.56 -11.82
C LYS A 570 18.54 7.43 -13.04
N ALA A 571 19.31 6.89 -13.99
CA ALA A 571 19.62 7.63 -15.22
C ALA A 571 18.33 7.95 -15.99
N LEU A 572 17.37 7.02 -16.01
CA LEU A 572 16.14 7.21 -16.75
C LEU A 572 15.17 8.25 -16.16
N CYS A 573 15.27 8.56 -14.87
CA CYS A 573 14.28 9.43 -14.23
C CYS A 573 14.87 10.70 -13.61
N GLY A 574 15.99 11.15 -14.18
CA GLY A 574 16.53 12.46 -13.84
C GLY A 574 17.43 13.02 -14.93
N PRO A 575 17.98 14.22 -14.74
CA PRO A 575 17.78 15.05 -13.54
C PRO A 575 16.36 15.59 -13.39
N THR A 576 15.98 15.92 -12.15
CA THR A 576 14.67 16.50 -11.88
C THR A 576 14.84 17.98 -11.63
N ALA A 577 13.72 18.69 -11.60
CA ALA A 577 13.73 20.13 -11.32
C ALA A 577 14.31 20.50 -9.96
N LEU A 578 14.27 19.57 -9.00
CA LEU A 578 14.72 19.81 -7.63
C LEU A 578 16.14 19.35 -7.32
N GLY A 579 16.73 18.56 -8.23
CA GLY A 579 18.04 17.93 -8.01
C GLY A 579 18.13 16.59 -8.74
N SER A 580 19.14 15.82 -8.38
CA SER A 580 19.38 14.53 -9.02
C SER A 580 18.27 13.55 -8.70
N SER A 581 18.15 12.53 -9.55
CA SER A 581 17.23 11.43 -9.28
C SER A 581 17.68 10.59 -8.11
N THR A 582 18.96 10.64 -7.77
CA THR A 582 19.45 9.93 -6.58
C THR A 582 18.83 10.57 -5.33
N GLU A 583 18.78 11.89 -5.29
CA GLU A 583 18.15 12.59 -4.17
C GLU A 583 16.61 12.54 -4.24
N PHE A 584 16.05 12.64 -5.46
CA PHE A 584 14.61 12.69 -5.71
C PHE A 584 14.23 11.46 -6.54
N PHE A 585 14.11 10.33 -5.82
CA PHE A 585 13.96 9.01 -6.44
C PHE A 585 12.58 8.40 -6.24
N ASN A 586 11.92 8.70 -5.12
CA ASN A 586 10.71 7.94 -4.67
C ASN A 586 9.38 8.71 -4.62
N ALA A 587 9.41 10.03 -4.87
CA ALA A 587 8.24 10.87 -4.68
C ALA A 587 7.42 11.22 -5.94
N TYR A 588 7.72 10.60 -7.07
CA TYR A 588 7.11 10.98 -8.36
C TYR A 588 5.58 10.91 -8.29
N ALA A 589 5.03 9.84 -7.72
CA ALA A 589 3.58 9.68 -7.69
C ALA A 589 2.87 10.75 -6.86
N LEU A 590 3.53 11.25 -5.82
CA LEU A 590 3.00 12.35 -5.03
C LEU A 590 2.92 13.62 -5.88
N MET A 591 3.98 13.89 -6.63
CA MET A 591 4.04 15.10 -7.49
C MET A 591 2.98 15.00 -8.60
N ASN A 592 2.90 13.83 -9.22
CA ASN A 592 1.94 13.56 -10.32
C ASN A 592 0.49 13.69 -9.82
N ALA A 593 0.24 13.19 -8.60
CA ALA A 593 -1.10 13.31 -8.01
C ALA A 593 -1.47 14.78 -7.71
N GLU A 594 -0.52 15.58 -7.19
CA GLU A 594 -0.75 17.03 -7.00
CA GLU A 594 -0.74 17.03 -7.00
C GLU A 594 -1.20 17.70 -8.30
N ALA A 595 -0.57 17.32 -9.39
CA ALA A 595 -0.88 17.91 -10.71
C ALA A 595 -2.34 17.80 -11.05
N ILE A 596 -2.89 16.62 -10.79
CA ILE A 596 -4.26 16.33 -11.17
C ILE A 596 -5.27 16.84 -10.14
N TYR A 597 -5.00 16.65 -8.85
CA TYR A 597 -5.93 17.09 -7.82
C TYR A 597 -6.03 18.61 -7.80
N ASP A 598 -4.89 19.28 -7.73
CA ASP A 598 -4.91 20.75 -7.74
C ASP A 598 -5.37 21.26 -9.11
N GLY A 599 -5.02 20.55 -10.18
CA GLY A 599 -5.52 20.88 -11.53
C GLY A 599 -7.04 20.90 -11.58
N GLN A 600 -7.66 19.78 -11.21
CA GLN A 600 -9.12 19.66 -11.34
C GLN A 600 -9.88 20.61 -10.40
N ARG A 601 -9.42 20.74 -9.15
CA ARG A 601 -10.09 21.66 -8.23
C ARG A 601 -9.88 23.13 -8.67
N GLY A 602 -8.80 23.38 -9.41
CA GLY A 602 -8.57 24.68 -10.05
C GLY A 602 -9.64 25.04 -11.07
N VAL A 603 -10.11 24.05 -11.82
CA VAL A 603 -11.18 24.21 -12.82
CA VAL A 603 -11.17 24.31 -12.80
C VAL A 603 -12.55 24.27 -12.15
N ASP A 604 -12.76 23.37 -11.18
CA ASP A 604 -14.07 23.27 -10.53
C ASP A 604 -13.79 22.86 -9.10
N ASN A 605 -13.84 23.82 -8.19
CA ASN A 605 -13.46 23.56 -6.81
C ASN A 605 -14.48 22.71 -6.03
N ASN A 606 -15.70 22.55 -6.54
CA ASN A 606 -16.72 21.81 -5.81
C ASN A 606 -16.83 20.34 -6.18
N LYS A 607 -16.35 19.96 -7.36
CA LYS A 607 -16.50 18.59 -7.86
C LYS A 607 -15.47 17.69 -7.18
N ARG A 608 -15.89 16.53 -6.69
CA ARG A 608 -14.90 15.62 -6.08
C ARG A 608 -13.92 15.05 -7.09
N VAL A 609 -12.69 14.84 -6.61
CA VAL A 609 -11.62 14.30 -7.40
C VAL A 609 -11.43 12.83 -7.01
N PHE A 610 -11.15 11.99 -8.00
CA PHE A 610 -10.71 10.60 -7.76
C PHE A 610 -9.52 10.28 -8.65
N LEU A 611 -8.39 9.90 -8.03
CA LEU A 611 -7.25 9.29 -8.73
C LEU A 611 -6.96 7.90 -8.18
N LEU A 612 -6.64 6.98 -9.09
CA LEU A 612 -6.03 5.68 -8.75
C LEU A 612 -4.67 5.64 -9.42
N THR A 613 -3.60 5.43 -8.64
CA THR A 613 -2.26 5.48 -9.17
C THR A 613 -1.43 4.22 -8.76
N ARG A 614 -0.44 3.87 -9.57
CA ARG A 614 0.27 2.58 -9.37
C ARG A 614 1.38 2.65 -8.34
N SER A 615 1.98 3.82 -8.16
CA SER A 615 2.98 4.03 -7.11
C SER A 615 2.32 4.83 -5.97
N GLY A 616 3.14 5.45 -5.13
CA GLY A 616 2.63 6.20 -3.97
C GLY A 616 3.80 6.70 -3.13
N PHE A 617 3.48 7.51 -2.12
CA PHE A 617 4.50 8.04 -1.19
C PHE A 617 3.77 8.63 0.01
N ALA A 618 4.50 9.00 1.04
CA ALA A 618 3.90 9.76 2.14
C ALA A 618 3.23 11.02 1.64
N GLY A 619 2.06 11.32 2.21
CA GLY A 619 1.27 12.47 1.79
C GLY A 619 0.27 12.24 0.67
N LEU A 620 0.30 11.08 0.01
CA LEU A 620 -0.52 10.84 -1.17
C LEU A 620 -2.00 11.09 -0.91
N GLN A 621 -2.45 10.72 0.29
CA GLN A 621 -3.88 10.82 0.63
C GLN A 621 -4.47 12.22 0.58
N ARG A 622 -3.63 13.25 0.71
CA ARG A 622 -4.15 14.62 0.68
C ARG A 622 -4.66 15.02 -0.70
N TYR A 623 -4.35 14.23 -1.73
CA TYR A 623 -4.78 14.52 -3.10
C TYR A 623 -5.93 13.61 -3.58
N SER A 624 -6.73 13.10 -2.63
CA SER A 624 -7.86 12.21 -2.95
C SER A 624 -7.43 11.13 -3.94
N THR A 625 -6.34 10.45 -3.58
CA THR A 625 -5.65 9.53 -4.48
C THR A 625 -5.49 8.20 -3.74
N ALA A 626 -5.90 7.12 -4.41
CA ALA A 626 -5.71 5.74 -3.96
C ALA A 626 -4.59 5.10 -4.75
N THR A 627 -4.01 4.04 -4.17
CA THR A 627 -3.04 3.20 -4.85
C THR A 627 -3.68 1.83 -5.14
N TRP A 628 -3.33 1.24 -6.27
CA TRP A 628 -3.63 -0.20 -6.46
C TRP A 628 -2.34 -0.96 -6.54
N SER A 629 -2.42 -2.24 -6.19
CA SER A 629 -1.21 -3.04 -5.97
C SER A 629 -0.53 -3.56 -7.24
N GLY A 630 -0.96 -3.10 -8.42
CA GLY A 630 -0.21 -3.28 -9.65
C GLY A 630 -0.33 -4.64 -10.33
N ASP A 631 0.63 -4.92 -11.20
CA ASP A 631 0.55 -6.11 -12.08
C ASP A 631 0.98 -7.39 -11.40
N ILE A 632 0.18 -7.85 -10.45
CA ILE A 632 0.39 -9.10 -9.75
C ILE A 632 -0.12 -10.27 -10.59
N GLY A 633 0.22 -11.48 -10.18
CA GLY A 633 -0.17 -12.70 -10.89
C GLY A 633 -1.51 -13.30 -10.48
N THR A 634 -2.04 -14.11 -11.41
CA THR A 634 -3.24 -14.95 -11.14
C THR A 634 -2.81 -16.16 -10.30
N ARG A 635 -2.49 -15.91 -9.03
CA ARG A 635 -1.85 -16.91 -8.16
C ARG A 635 -2.37 -16.79 -6.72
N TRP A 636 -2.58 -17.94 -6.10
CA TRP A 636 -3.03 -18.01 -4.74
C TRP A 636 -2.02 -17.29 -3.78
N GLU A 637 -0.72 -17.53 -4.02
CA GLU A 637 0.31 -16.91 -3.20
C GLU A 637 0.28 -15.38 -3.37
N ASP A 638 -0.06 -14.89 -4.56
CA ASP A 638 -0.16 -13.42 -4.74
C ASP A 638 -1.41 -12.92 -4.00
N MET A 639 -2.50 -13.68 -4.01
CA MET A 639 -3.72 -13.29 -3.30
CA MET A 639 -3.70 -13.27 -3.31
C MET A 639 -3.39 -13.15 -1.81
N LYS A 640 -2.73 -14.16 -1.24
CA LYS A 640 -2.32 -14.13 0.17
C LYS A 640 -1.46 -12.87 0.44
N ALA A 641 -0.47 -12.63 -0.41
CA ALA A 641 0.43 -11.47 -0.25
C ALA A 641 -0.32 -10.14 -0.29
N GLN A 642 -1.46 -10.08 -0.97
CA GLN A 642 -2.18 -8.79 -1.02
C GLN A 642 -2.85 -8.47 0.31
N ILE A 643 -3.12 -9.48 1.13
CA ILE A 643 -3.71 -9.20 2.45
C ILE A 643 -2.69 -8.43 3.30
N SER A 644 -1.47 -8.96 3.40
CA SER A 644 -0.44 -8.31 4.18
C SER A 644 0.03 -6.99 3.55
N ALA A 645 0.12 -6.94 2.23
CA ALA A 645 0.46 -5.69 1.52
C ALA A 645 -0.56 -4.60 1.84
N GLY A 646 -1.84 -4.94 1.75
CA GLY A 646 -2.90 -3.98 2.00
C GLY A 646 -2.88 -3.46 3.42
N LEU A 647 -2.63 -4.34 4.37
CA LEU A 647 -2.63 -3.95 5.80
C LEU A 647 -1.44 -3.07 6.12
N ASN A 648 -0.27 -3.39 5.59
CA ASN A 648 0.88 -2.49 5.73
C ASN A 648 0.61 -1.13 5.08
N PHE A 649 -0.01 -1.12 3.90
CA PHE A 649 -0.27 0.16 3.20
C PHE A 649 -1.23 1.01 4.06
N ALA A 650 -2.28 0.41 4.60
CA ALA A 650 -3.19 1.12 5.52
C ALA A 650 -2.45 1.71 6.74
N MET A 651 -1.51 0.95 7.30
CA MET A 651 -0.71 1.40 8.45
CA MET A 651 -0.72 1.42 8.44
C MET A 651 0.32 2.47 8.05
N SER A 652 0.52 2.67 6.73
CA SER A 652 1.37 3.73 6.20
C SER A 652 0.60 5.06 6.07
N GLY A 653 -0.67 5.07 6.47
CA GLY A 653 -1.43 6.33 6.62
C GLY A 653 -2.38 6.66 5.48
N ILE A 654 -2.45 5.80 4.47
CA ILE A 654 -3.15 6.09 3.21
C ILE A 654 -4.38 5.16 3.18
N PRO A 655 -5.60 5.70 3.34
CA PRO A 655 -6.74 4.85 3.67
C PRO A 655 -7.55 4.31 2.49
N TYR A 656 -7.20 4.72 1.26
CA TYR A 656 -7.89 4.18 0.07
C TYR A 656 -6.87 3.44 -0.79
N TRP A 657 -7.17 2.16 -1.05
CA TRP A 657 -6.27 1.18 -1.62
C TRP A 657 -7.12 0.11 -2.30
N THR A 658 -6.56 -0.52 -3.32
CA THR A 658 -7.24 -1.60 -4.01
C THR A 658 -6.24 -2.51 -4.71
N MET A 659 -6.78 -3.52 -5.41
CA MET A 659 -5.97 -4.56 -6.05
C MET A 659 -6.77 -5.07 -7.22
N ASP A 660 -6.10 -5.74 -8.15
CA ASP A 660 -6.77 -6.43 -9.26
C ASP A 660 -7.37 -7.72 -8.75
N ILE A 661 -8.68 -7.75 -8.48
CA ILE A 661 -9.32 -9.02 -8.09
C ILE A 661 -9.13 -10.01 -9.25
N GLY A 662 -8.61 -11.19 -8.91
CA GLY A 662 -8.29 -12.25 -9.83
C GLY A 662 -6.83 -12.28 -10.26
N GLY A 663 -6.13 -11.15 -10.10
CA GLY A 663 -4.74 -11.01 -10.56
C GLY A 663 -4.68 -10.37 -11.95
N PHE A 664 -3.54 -9.74 -12.27
CA PHE A 664 -3.36 -9.06 -13.56
C PHE A 664 -2.81 -9.97 -14.68
N CYS A 665 -1.59 -10.51 -14.47
CA CYS A 665 -0.96 -11.35 -15.48
CA CYS A 665 -0.90 -11.37 -15.44
C CYS A 665 -1.39 -12.80 -15.27
N VAL A 666 -1.75 -13.45 -16.37
CA VAL A 666 -2.48 -14.73 -16.36
C VAL A 666 -1.66 -15.92 -16.82
N GLU A 667 -1.72 -17.00 -16.06
CA GLU A 667 -1.06 -18.23 -16.48
C GLU A 667 -1.62 -18.69 -17.83
N ASN A 668 -0.75 -19.20 -18.71
CA ASN A 668 -1.17 -19.65 -20.05
C ASN A 668 -2.29 -20.68 -19.97
N ARG A 669 -2.21 -21.56 -18.99
CA ARG A 669 -3.23 -22.62 -18.83
C ARG A 669 -4.65 -22.07 -18.59
N TYR A 670 -4.75 -20.90 -17.94
CA TYR A 670 -6.06 -20.28 -17.72
C TYR A 670 -6.65 -19.69 -19.01
N VAL A 671 -5.80 -19.07 -19.85
CA VAL A 671 -6.20 -18.57 -21.15
C VAL A 671 -6.73 -19.75 -21.99
N ALA A 672 -5.97 -20.86 -22.02
CA ALA A 672 -6.39 -22.07 -22.73
C ALA A 672 -7.74 -22.63 -22.21
N GLY A 673 -7.93 -22.58 -20.90
CA GLY A 673 -9.20 -22.98 -20.29
C GLY A 673 -10.38 -22.16 -20.75
N GLN A 674 -10.19 -20.85 -20.81
CA GLN A 674 -11.23 -19.97 -21.32
C GLN A 674 -11.56 -20.22 -22.80
N LYS A 675 -10.53 -20.36 -23.61
CA LYS A 675 -10.75 -20.61 -25.04
CA LYS A 675 -10.71 -20.63 -25.05
C LYS A 675 -11.49 -21.93 -25.24
N GLN A 676 -11.18 -22.93 -24.41
CA GLN A 676 -11.94 -24.18 -24.45
C GLN A 676 -13.40 -23.97 -24.05
N TRP A 677 -13.64 -23.18 -23.00
CA TRP A 677 -15.01 -22.89 -22.58
C TRP A 677 -15.78 -22.17 -23.72
N ASN A 678 -15.14 -21.21 -24.35
CA ASN A 678 -15.77 -20.48 -25.46
C ASN A 678 -16.20 -21.41 -26.60
N ALA A 679 -15.34 -22.34 -26.95
CA ALA A 679 -15.55 -23.25 -28.08
C ALA A 679 -16.53 -24.41 -27.80
N THR A 680 -16.56 -24.91 -26.56
CA THR A 680 -17.23 -26.17 -26.24
C THR A 680 -18.13 -26.17 -25.00
N LYS A 681 -18.06 -25.15 -24.14
CA LYS A 681 -18.77 -25.14 -22.89
C LYS A 681 -18.47 -26.37 -22.04
N THR A 682 -17.20 -26.77 -22.06
CA THR A 682 -16.67 -27.79 -21.16
C THR A 682 -15.53 -27.17 -20.36
N GLU A 683 -15.47 -27.56 -19.10
CA GLU A 683 -14.52 -27.04 -18.11
C GLU A 683 -13.39 -28.05 -17.91
N ASN A 684 -12.17 -27.66 -18.26
CA ASN A 684 -11.02 -28.49 -17.95
C ASN A 684 -10.52 -28.22 -16.50
N ALA A 685 -9.52 -28.95 -16.05
CA ALA A 685 -9.07 -28.82 -14.66
C ALA A 685 -8.52 -27.44 -14.36
N ASP A 686 -7.84 -26.84 -15.33
CA ASP A 686 -7.31 -25.47 -15.15
C ASP A 686 -8.45 -24.46 -15.03
N TYR A 687 -9.47 -24.60 -15.86
CA TYR A 687 -10.61 -23.67 -15.84
C TYR A 687 -11.41 -23.78 -14.52
N LYS A 688 -11.51 -24.98 -13.97
CA LYS A 688 -12.12 -25.18 -12.66
C LYS A 688 -11.37 -24.37 -11.58
N GLU A 689 -10.04 -24.44 -11.61
CA GLU A 689 -9.23 -23.65 -10.70
C GLU A 689 -9.39 -22.13 -10.91
N TRP A 690 -9.42 -21.70 -12.18
CA TRP A 690 -9.69 -20.29 -12.51
C TRP A 690 -10.94 -19.76 -11.83
N ARG A 691 -12.02 -20.53 -11.92
CA ARG A 691 -13.28 -20.14 -11.28
C ARG A 691 -13.19 -20.03 -9.74
N GLU A 692 -12.50 -20.98 -9.12
CA GLU A 692 -12.33 -20.97 -7.67
C GLU A 692 -11.42 -19.82 -7.18
N LEU A 693 -10.34 -19.59 -7.91
CA LEU A 693 -9.42 -18.46 -7.65
C LEU A 693 -10.17 -17.14 -7.69
N ASN A 694 -10.93 -16.93 -8.76
CA ASN A 694 -11.71 -15.69 -8.86
C ASN A 694 -12.79 -15.58 -7.78
N THR A 695 -13.48 -16.68 -7.46
CA THR A 695 -14.50 -16.67 -6.41
C THR A 695 -13.90 -16.22 -5.06
N ARG A 696 -12.80 -16.85 -4.66
CA ARG A 696 -12.15 -16.48 -3.41
C ARG A 696 -11.62 -15.04 -3.45
N TRP A 697 -11.12 -14.60 -4.58
CA TRP A 697 -10.49 -13.28 -4.64
C TRP A 697 -11.57 -12.19 -4.60
N TYR A 698 -12.70 -12.41 -5.27
CA TYR A 698 -13.84 -11.49 -5.15
C TYR A 698 -14.37 -11.42 -3.70
N GLN A 699 -14.46 -12.56 -3.01
CA GLN A 699 -14.87 -12.61 -1.59
C GLN A 699 -14.03 -11.67 -0.72
N PHE A 700 -12.72 -11.75 -0.92
CA PHE A 700 -11.73 -10.92 -0.24
C PHE A 700 -11.90 -9.45 -0.64
N GLY A 701 -11.93 -9.18 -1.95
CA GLY A 701 -12.02 -7.79 -2.46
C GLY A 701 -13.26 -7.01 -2.05
N ALA A 702 -14.37 -7.71 -1.77
CA ALA A 702 -15.58 -7.06 -1.29
C ALA A 702 -15.40 -6.33 0.04
N PHE A 703 -14.30 -6.61 0.76
CA PHE A 703 -14.03 -6.01 2.07
C PHE A 703 -12.72 -5.23 2.11
N VAL A 704 -12.23 -4.79 0.95
CA VAL A 704 -11.10 -3.83 0.91
C VAL A 704 -11.62 -2.42 0.57
N PRO A 705 -10.79 -1.38 0.70
CA PRO A 705 -11.41 -0.04 0.62
C PRO A 705 -12.12 0.27 -0.70
N LEU A 706 -11.48 -0.08 -1.83
CA LEU A 706 -12.13 -0.03 -3.14
C LEU A 706 -12.27 -1.42 -3.73
N TYR A 707 -13.50 -1.75 -4.15
CA TYR A 707 -13.89 -3.09 -4.60
C TYR A 707 -13.85 -3.10 -6.12
N ARG A 708 -12.87 -3.77 -6.73
CA ARG A 708 -12.51 -3.59 -8.14
C ARG A 708 -11.95 -4.85 -8.79
N ALA A 709 -12.52 -5.25 -9.93
CA ALA A 709 -11.98 -6.36 -10.75
C ALA A 709 -11.26 -5.83 -12.00
N HIS A 710 -10.06 -6.34 -12.26
CA HIS A 710 -9.25 -5.94 -13.40
C HIS A 710 -8.25 -7.03 -13.76
N GLY A 711 -7.83 -7.08 -15.03
CA GLY A 711 -6.70 -7.89 -15.43
C GLY A 711 -6.75 -8.24 -16.90
N GLN A 712 -5.73 -8.96 -17.33
CA GLN A 712 -5.61 -9.40 -18.72
C GLN A 712 -6.54 -10.59 -18.96
N TYR A 713 -6.74 -10.89 -20.25
CA TYR A 713 -7.61 -11.98 -20.70
C TYR A 713 -7.35 -13.27 -19.90
N PRO A 714 -8.37 -14.01 -19.43
CA PRO A 714 -9.82 -13.86 -19.72
C PRO A 714 -10.52 -12.59 -19.27
N PHE A 715 -11.69 -12.34 -19.86
CA PHE A 715 -12.55 -11.25 -19.39
C PHE A 715 -12.98 -11.53 -17.94
N ARG A 716 -13.25 -10.47 -17.20
CA ARG A 716 -13.41 -10.56 -15.74
C ARG A 716 -14.80 -10.23 -15.22
N GLU A 717 -15.75 -9.90 -16.10
CA GLU A 717 -17.14 -9.76 -15.67
C GLU A 717 -17.63 -11.13 -15.15
N ILE A 718 -18.38 -11.14 -14.06
CA ILE A 718 -18.70 -12.43 -13.42
C ILE A 718 -19.34 -13.44 -14.38
N TRP A 719 -20.22 -12.99 -15.28
CA TRP A 719 -20.86 -13.91 -16.23
C TRP A 719 -19.92 -14.52 -17.26
N GLU A 720 -18.74 -13.92 -17.44
CA GLU A 720 -17.71 -14.53 -18.28
C GLU A 720 -16.97 -15.64 -17.52
N ILE A 721 -16.78 -15.47 -16.22
CA ILE A 721 -16.10 -16.44 -15.38
C ILE A 721 -16.92 -17.70 -15.22
N ALA A 722 -18.22 -17.56 -14.97
CA ALA A 722 -19.10 -18.72 -14.80
C ALA A 722 -20.53 -18.28 -15.07
N PRO A 723 -21.39 -19.18 -15.54
CA PRO A 723 -22.77 -18.79 -15.84
C PRO A 723 -23.70 -18.72 -14.63
N GLU A 724 -24.83 -18.06 -14.81
CA GLU A 724 -25.86 -17.97 -13.79
C GLU A 724 -26.19 -19.35 -13.27
N GLY A 725 -26.31 -19.46 -11.95
CA GLY A 725 -26.54 -20.75 -11.31
C GLY A 725 -25.30 -21.51 -10.86
N HIS A 726 -24.14 -21.25 -11.48
CA HIS A 726 -22.90 -21.89 -11.08
C HIS A 726 -22.51 -21.29 -9.74
N PRO A 727 -21.96 -22.10 -8.82
CA PRO A 727 -21.54 -21.60 -7.50
C PRO A 727 -20.67 -20.31 -7.49
N ALA A 728 -19.73 -20.23 -8.42
CA ALA A 728 -18.92 -19.01 -8.57
C ALA A 728 -19.73 -17.77 -8.87
N TYR A 729 -20.65 -17.87 -9.84
CA TYR A 729 -21.55 -16.75 -10.12
C TYR A 729 -22.43 -16.40 -8.91
N GLN A 730 -23.01 -17.41 -8.29
CA GLN A 730 -23.88 -17.17 -7.14
C GLN A 730 -23.14 -16.46 -6.01
N SER A 731 -21.93 -16.91 -5.72
CA SER A 731 -21.14 -16.35 -4.61
C SER A 731 -20.72 -14.92 -4.91
N VAL A 732 -20.17 -14.69 -6.10
CA VAL A 732 -19.69 -13.36 -6.45
C VAL A 732 -20.86 -12.36 -6.48
N VAL A 733 -22.00 -12.74 -7.07
CA VAL A 733 -23.18 -11.85 -7.05
C VAL A 733 -23.68 -11.58 -5.62
N TYR A 734 -23.65 -12.59 -4.75
CA TYR A 734 -23.98 -12.41 -3.35
C TYR A 734 -23.12 -11.31 -2.72
N TYR A 735 -21.79 -11.40 -2.89
CA TYR A 735 -20.89 -10.41 -2.28
C TYR A 735 -20.97 -9.03 -2.92
N THR A 736 -21.28 -8.97 -4.22
CA THR A 736 -21.43 -7.70 -4.89
C THR A 736 -22.71 -7.01 -4.36
N LYS A 737 -23.79 -7.77 -4.24
CA LYS A 737 -25.02 -7.26 -3.60
C LYS A 737 -24.77 -6.84 -2.13
N LEU A 738 -24.03 -7.63 -1.38
CA LEU A 738 -23.81 -7.35 0.05
C LEU A 738 -23.05 -6.04 0.23
N ARG A 739 -22.08 -5.78 -0.67
CA ARG A 739 -21.35 -4.50 -0.65
C ARG A 739 -22.33 -3.35 -0.66
N TYR A 740 -23.39 -3.47 -1.46
CA TYR A 740 -24.41 -2.43 -1.53
C TYR A 740 -25.38 -2.39 -0.32
N ASN A 741 -25.78 -3.54 0.20
CA ASN A 741 -26.54 -3.56 1.48
C ASN A 741 -25.73 -2.93 2.63
N MET A 742 -24.40 -3.09 2.59
CA MET A 742 -23.49 -2.49 3.58
C MET A 742 -23.18 -1.03 3.32
N MET A 743 -23.72 -0.42 2.26
CA MET A 743 -23.31 0.91 1.88
C MET A 743 -23.48 1.96 2.97
N PRO A 744 -24.57 1.90 3.77
CA PRO A 744 -24.65 2.93 4.86
C PRO A 744 -23.47 2.85 5.84
N TYR A 745 -23.04 1.63 6.16
CA TYR A 745 -21.83 1.40 6.98
C TYR A 745 -20.56 1.85 6.25
N ILE A 746 -20.38 1.36 5.02
CA ILE A 746 -19.16 1.65 4.24
C ILE A 746 -18.95 3.15 4.02
N TYR A 747 -20.00 3.85 3.62
CA TYR A 747 -19.85 5.27 3.36
C TYR A 747 -19.63 6.07 4.65
N SER A 748 -20.14 5.56 5.77
CA SER A 748 -19.82 6.15 7.09
C SER A 748 -18.32 6.05 7.39
N LEU A 749 -17.71 4.92 7.02
CA LEU A 749 -16.23 4.78 7.16
C LEU A 749 -15.51 5.81 6.30
N ALA A 750 -15.98 6.01 5.07
CA ALA A 750 -15.43 7.04 4.18
C ALA A 750 -15.54 8.44 4.81
N GLY A 751 -16.69 8.76 5.38
CA GLY A 751 -16.79 10.04 6.11
C GLY A 751 -15.77 10.16 7.21
N MET A 752 -15.58 9.07 7.96
CA MET A 752 -14.65 8.99 9.10
CA MET A 752 -14.66 9.15 9.10
C MET A 752 -13.20 9.23 8.67
N THR A 753 -12.85 8.83 7.44
CA THR A 753 -11.47 9.06 6.97
C THR A 753 -11.08 10.54 7.07
N TRP A 754 -12.01 11.44 6.73
CA TRP A 754 -11.78 12.87 6.81
C TRP A 754 -12.02 13.39 8.23
N PHE A 755 -13.22 13.13 8.77
CA PHE A 755 -13.64 13.74 10.06
C PHE A 755 -12.88 13.20 11.28
N ASP A 756 -12.50 11.92 11.26
CA ASP A 756 -11.88 11.27 12.40
C ASP A 756 -10.47 10.73 12.06
N ASP A 757 -9.89 11.12 10.92
CA ASP A 757 -8.56 10.58 10.50
C ASP A 757 -8.52 9.06 10.55
N TYR A 758 -9.58 8.45 10.03
CA TYR A 758 -9.78 7.00 10.15
C TYR A 758 -9.07 6.20 9.04
N THR A 759 -9.04 4.89 9.27
CA THR A 759 -8.42 3.88 8.42
C THR A 759 -9.45 2.76 8.25
N ILE A 760 -9.68 2.35 7.01
CA ILE A 760 -10.81 1.44 6.64
C ILE A 760 -10.45 -0.05 6.75
N MET A 761 -9.35 -0.42 6.11
CA MET A 761 -8.85 -1.82 6.12
C MET A 761 -7.76 -1.89 7.17
N ARG A 762 -8.00 -2.64 8.25
CA ARG A 762 -7.25 -2.47 9.49
C ARG A 762 -6.67 -3.80 9.98
N PRO A 763 -5.34 -3.88 10.20
CA PRO A 763 -4.85 -5.11 10.82
C PRO A 763 -5.38 -5.24 12.26
N LEU A 764 -5.43 -6.46 12.77
CA LEU A 764 -6.02 -6.74 14.08
C LEU A 764 -5.31 -5.99 15.21
N VAL A 765 -4.01 -5.72 15.03
CA VAL A 765 -3.22 -4.99 15.99
C VAL A 765 -3.77 -3.58 16.29
N MET A 766 -4.55 -2.98 15.37
CA MET A 766 -5.08 -1.62 15.62
C MET A 766 -6.12 -1.61 16.75
N ASP A 767 -7.09 -2.53 16.68
CA ASP A 767 -8.21 -2.57 17.62
CA ASP A 767 -8.16 -2.54 17.68
C ASP A 767 -7.92 -3.51 18.81
N PHE A 768 -6.92 -4.38 18.69
CA PHE A 768 -6.63 -5.42 19.69
C PHE A 768 -5.16 -5.41 20.08
N THR A 769 -4.63 -4.20 20.25
CA THR A 769 -3.20 -4.01 20.51
C THR A 769 -2.77 -4.73 21.79
N ALA A 770 -3.69 -4.77 22.77
CA ALA A 770 -3.42 -5.42 24.06
C ALA A 770 -3.31 -6.95 23.97
N ASP A 771 -3.83 -7.55 22.91
CA ASP A 771 -3.70 -9.01 22.69
C ASP A 771 -2.51 -9.28 21.76
N ALA A 772 -1.34 -9.57 22.34
CA ALA A 772 -0.13 -9.79 21.51
C ALA A 772 -0.18 -10.99 20.55
N GLU A 773 -1.15 -11.90 20.75
CA GLU A 773 -1.34 -13.01 19.81
CA GLU A 773 -1.38 -12.99 19.82
C GLU A 773 -1.71 -12.50 18.41
N VAL A 774 -2.22 -11.27 18.29
CA VAL A 774 -2.52 -10.73 16.96
C VAL A 774 -1.34 -10.12 16.21
N ASN A 775 -0.18 -9.96 16.84
CA ASN A 775 0.88 -9.13 16.27
C ASN A 775 1.38 -9.64 14.91
N ASP A 776 1.42 -10.96 14.72
CA ASP A 776 1.96 -11.52 13.49
C ASP A 776 0.86 -11.96 12.50
N ILE A 777 -0.42 -11.68 12.82
CA ILE A 777 -1.53 -12.13 11.95
C ILE A 777 -1.72 -11.14 10.80
N GLY A 778 -1.29 -11.54 9.61
CA GLY A 778 -1.42 -10.76 8.40
C GLY A 778 -2.36 -11.36 7.37
N ASP A 779 -3.16 -12.37 7.77
CA ASP A 779 -4.13 -13.04 6.89
C ASP A 779 -5.59 -12.98 7.41
N GLN A 780 -5.83 -12.07 8.36
CA GLN A 780 -7.17 -11.70 8.82
C GLN A 780 -7.12 -10.19 8.97
N PHE A 781 -8.27 -9.52 8.93
CA PHE A 781 -8.30 -8.07 9.17
C PHE A 781 -9.69 -7.57 9.54
N MET A 782 -9.75 -6.33 10.04
CA MET A 782 -11.03 -5.70 10.29
C MET A 782 -11.40 -4.79 9.11
N PHE A 783 -12.68 -4.80 8.75
CA PHE A 783 -13.23 -3.89 7.73
C PHE A 783 -14.10 -2.91 8.52
N GLY A 784 -13.55 -1.72 8.77
CA GLY A 784 -14.11 -0.80 9.75
C GLY A 784 -14.05 -1.40 11.15
N PRO A 785 -14.86 -0.88 12.09
CA PRO A 785 -14.73 -1.32 13.48
C PRO A 785 -15.29 -2.71 13.78
N SER A 786 -16.20 -3.20 12.93
CA SER A 786 -17.09 -4.29 13.34
C SER A 786 -16.92 -5.64 12.66
N PHE A 787 -16.42 -5.69 11.43
CA PHE A 787 -16.32 -6.97 10.69
C PHE A 787 -14.89 -7.48 10.72
N MET A 788 -14.70 -8.75 11.13
CA MET A 788 -13.41 -9.44 10.98
C MET A 788 -13.52 -10.39 9.78
N VAL A 789 -12.61 -10.19 8.82
CA VAL A 789 -12.59 -10.89 7.54
C VAL A 789 -11.38 -11.82 7.49
N SER A 790 -11.59 -13.09 7.11
CA SER A 790 -10.51 -14.10 7.09
C SER A 790 -10.52 -14.84 5.74
N PRO A 791 -9.85 -14.28 4.70
CA PRO A 791 -9.86 -14.88 3.38
C PRO A 791 -9.34 -16.31 3.30
N VAL A 792 -9.93 -17.09 2.40
CA VAL A 792 -9.42 -18.43 2.07
C VAL A 792 -8.54 -18.27 0.85
N TYR A 793 -7.27 -18.69 0.93
CA TYR A 793 -6.28 -18.41 -0.10
C TYR A 793 -5.47 -19.65 -0.56
N ARG A 794 -6.12 -20.81 -0.46
CA ARG A 794 -5.59 -22.07 -1.00
CA ARG A 794 -5.59 -22.06 -1.03
C ARG A 794 -6.70 -22.77 -1.79
N TYR A 795 -6.37 -23.20 -3.01
CA TYR A 795 -7.28 -24.01 -3.81
C TYR A 795 -7.70 -25.32 -3.11
N GLY A 796 -9.00 -25.61 -3.12
CA GLY A 796 -9.55 -26.83 -2.51
C GLY A 796 -9.84 -26.72 -1.03
N ASP A 797 -9.43 -25.65 -0.34
CA ASP A 797 -9.71 -25.63 1.07
CA ASP A 797 -9.69 -25.42 1.11
C ASP A 797 -11.18 -25.29 1.32
N ARG A 798 -11.76 -26.01 2.28
CA ARG A 798 -13.16 -25.81 2.67
C ARG A 798 -13.29 -25.46 4.16
N SER A 799 -12.17 -25.03 4.74
CA SER A 799 -12.06 -24.53 6.09
C SER A 799 -10.72 -23.79 6.21
N ARG A 800 -10.55 -23.04 7.29
CA ARG A 800 -9.23 -22.48 7.62
C ARG A 800 -9.17 -22.20 9.10
N GLU A 801 -7.95 -22.15 9.62
CA GLU A 801 -7.70 -21.72 11.00
CA GLU A 801 -7.73 -21.72 11.01
C GLU A 801 -7.91 -20.22 11.13
N ILE A 802 -8.60 -19.79 12.19
CA ILE A 802 -8.85 -18.40 12.51
C ILE A 802 -8.55 -18.17 13.99
N TYR A 803 -7.81 -17.10 14.31
CA TYR A 803 -7.64 -16.64 15.67
C TYR A 803 -8.66 -15.53 15.95
N PHE A 804 -9.45 -15.72 17.02
CA PHE A 804 -10.42 -14.73 17.47
C PHE A 804 -9.80 -13.89 18.58
N PRO A 805 -9.55 -12.58 18.34
CA PRO A 805 -8.97 -11.74 19.37
C PRO A 805 -9.76 -11.75 20.67
N GLN A 806 -9.04 -11.56 21.78
CA GLN A 806 -9.67 -11.36 23.09
C GLN A 806 -10.69 -10.20 23.02
N ALA A 807 -11.91 -10.49 23.44
CA ALA A 807 -13.04 -9.60 23.32
C ALA A 807 -14.20 -10.26 24.05
N GLU A 808 -15.26 -9.50 24.27
CA GLU A 808 -16.46 -10.05 24.93
C GLU A 808 -17.06 -11.18 24.11
N GLY A 809 -16.96 -11.07 22.79
CA GLY A 809 -17.40 -12.16 21.93
C GLY A 809 -17.42 -11.78 20.47
N TRP A 810 -17.74 -12.76 19.66
CA TRP A 810 -17.83 -12.66 18.21
C TRP A 810 -19.06 -13.41 17.73
N TYR A 811 -19.61 -13.00 16.60
CA TYR A 811 -20.77 -13.66 16.02
C TYR A 811 -20.53 -13.97 14.55
N ASP A 812 -20.79 -15.19 14.13
CA ASP A 812 -20.78 -15.53 12.70
C ASP A 812 -21.83 -14.65 12.00
N PHE A 813 -21.42 -13.90 10.98
CA PHE A 813 -22.34 -12.97 10.28
C PHE A 813 -23.52 -13.70 9.69
N TYR A 814 -23.27 -14.85 9.06
CA TYR A 814 -24.30 -15.50 8.24
C TYR A 814 -25.38 -16.14 9.13
N SER A 815 -24.97 -16.76 10.24
CA SER A 815 -25.89 -17.51 11.13
C SER A 815 -26.26 -16.80 12.44
N GLY A 816 -25.45 -15.82 12.83
CA GLY A 816 -25.56 -15.17 14.14
C GLY A 816 -25.04 -15.97 15.33
N LYS A 817 -24.40 -17.13 15.09
CA LYS A 817 -23.91 -18.01 16.15
C LYS A 817 -22.70 -17.42 16.88
N PHE A 818 -22.72 -17.55 18.20
CA PHE A 818 -21.69 -16.98 19.07
C PHE A 818 -20.38 -17.74 19.03
N GLN A 819 -19.28 -17.00 19.10
CA GLN A 819 -17.92 -17.54 19.17
C GLN A 819 -17.15 -16.77 20.23
N ALA A 820 -16.54 -17.49 21.17
CA ALA A 820 -15.77 -16.86 22.26
C ALA A 820 -14.50 -16.19 21.74
N GLY A 821 -14.11 -15.10 22.39
CA GLY A 821 -12.85 -14.44 22.10
C GLY A 821 -11.67 -15.19 22.71
N GLY A 822 -10.48 -14.95 22.19
CA GLY A 822 -9.23 -15.45 22.76
C GLY A 822 -8.93 -16.89 22.45
N GLU A 823 -9.35 -17.38 21.29
CA GLU A 823 -9.01 -18.75 20.90
C GLU A 823 -8.83 -18.90 19.40
N ARG A 824 -8.05 -19.91 19.04
CA ARG A 824 -7.80 -20.26 17.64
CA ARG A 824 -7.79 -20.28 17.65
C ARG A 824 -8.52 -21.57 17.33
N LYS A 825 -9.19 -21.62 16.19
CA LYS A 825 -9.81 -22.85 15.75
C LYS A 825 -10.06 -22.95 14.26
N VAL A 826 -10.36 -24.16 13.84
CA VAL A 826 -10.68 -24.47 12.46
C VAL A 826 -12.15 -24.15 12.21
N ILE A 827 -12.37 -23.26 11.22
CA ILE A 827 -13.69 -22.71 10.88
C ILE A 827 -14.08 -23.12 9.46
N GLU A 828 -15.33 -23.55 9.28
CA GLU A 828 -15.80 -23.96 7.97
C GLU A 828 -15.83 -22.77 7.00
N ALA A 829 -15.50 -23.06 5.74
CA ALA A 829 -15.40 -22.05 4.69
C ALA A 829 -15.77 -22.73 3.37
N PRO A 830 -17.08 -22.95 3.17
CA PRO A 830 -17.52 -23.51 1.87
C PRO A 830 -17.09 -22.63 0.69
N TYR A 831 -17.03 -23.25 -0.48
CA TYR A 831 -16.68 -22.55 -1.74
C TYR A 831 -17.32 -21.16 -1.82
N GLU A 832 -18.62 -21.06 -1.56
CA GLU A 832 -19.36 -19.81 -1.76
C GLU A 832 -19.24 -18.77 -0.64
N ARG A 833 -18.53 -19.06 0.45
CA ARG A 833 -18.49 -18.17 1.61
C ARG A 833 -17.11 -17.88 2.14
N ILE A 834 -16.84 -16.60 2.39
CA ILE A 834 -15.67 -16.18 3.17
C ILE A 834 -16.03 -16.08 4.67
N PRO A 835 -15.19 -16.67 5.57
CA PRO A 835 -15.46 -16.54 6.99
C PRO A 835 -15.51 -15.08 7.41
N LEU A 836 -16.61 -14.70 8.05
CA LEU A 836 -16.90 -13.31 8.37
C LEU A 836 -17.60 -13.26 9.73
N TYR A 837 -17.00 -12.54 10.68
CA TYR A 837 -17.51 -12.43 12.03
C TYR A 837 -17.71 -10.98 12.40
N VAL A 838 -18.61 -10.76 13.35
CA VAL A 838 -18.95 -9.43 13.85
C VAL A 838 -18.59 -9.34 15.34
N ARG A 839 -17.94 -8.24 15.71
CA ARG A 839 -17.51 -8.01 17.09
CA ARG A 839 -17.50 -7.98 17.09
C ARG A 839 -18.70 -7.67 18.00
N ALA A 840 -18.76 -8.29 19.19
CA ALA A 840 -19.74 -7.85 20.20
C ALA A 840 -19.62 -6.35 20.44
N GLY A 841 -20.77 -5.67 20.51
CA GLY A 841 -20.84 -4.22 20.64
C GLY A 841 -21.08 -3.52 19.31
N ALA A 842 -21.05 -4.26 18.19
CA ALA A 842 -21.25 -3.63 16.88
C ALA A 842 -22.65 -3.06 16.72
N ILE A 843 -22.71 -1.84 16.18
CA ILE A 843 -23.94 -1.25 15.67
C ILE A 843 -23.74 -1.06 14.17
N ILE A 844 -24.51 -1.78 13.34
CA ILE A 844 -24.27 -1.79 11.89
C ILE A 844 -25.53 -1.47 11.10
N PRO A 845 -25.49 -0.39 10.30
CA PRO A 845 -26.63 -0.05 9.47
C PRO A 845 -26.57 -0.72 8.10
N PHE A 846 -27.63 -1.42 7.73
CA PHE A 846 -27.75 -2.07 6.41
C PHE A 846 -28.93 -1.47 5.66
N GLY A 847 -28.75 -1.27 4.36
CA GLY A 847 -29.83 -0.75 3.52
C GLY A 847 -30.37 -1.78 2.56
N ASP A 848 -31.45 -1.39 1.87
CA ASP A 848 -32.05 -2.22 0.82
C ASP A 848 -31.19 -2.38 -0.43
N ASP A 849 -31.54 -3.37 -1.24
CA ASP A 849 -30.87 -3.58 -2.52
C ASP A 849 -30.97 -2.34 -3.39
N ILE A 850 -29.84 -1.95 -3.96
CA ILE A 850 -29.75 -0.86 -4.93
C ILE A 850 -28.84 -1.28 -6.08
N GLN A 851 -29.02 -0.71 -7.25
CA GLN A 851 -28.18 -1.02 -8.43
C GLN A 851 -26.87 -0.22 -8.52
N TYR A 852 -26.82 0.90 -7.81
CA TYR A 852 -25.67 1.81 -7.77
C TYR A 852 -25.84 2.70 -6.54
N THR A 853 -24.76 3.37 -6.12
CA THR A 853 -24.84 4.19 -4.92
C THR A 853 -25.94 5.26 -5.07
N ASP A 854 -26.74 5.42 -4.02
CA ASP A 854 -27.84 6.38 -4.00
C ASP A 854 -28.84 6.21 -5.16
N GLU A 855 -29.04 4.96 -5.64
CA GLU A 855 -30.13 4.73 -6.59
C GLU A 855 -31.46 5.19 -5.98
N LYS A 856 -31.63 4.86 -4.71
CA LYS A 856 -32.78 5.23 -3.93
C LYS A 856 -32.28 5.77 -2.61
N PRO A 857 -33.01 6.71 -1.99
CA PRO A 857 -32.67 7.12 -0.63
C PRO A 857 -32.71 5.93 0.33
N ALA A 858 -31.86 5.96 1.38
CA ALA A 858 -31.80 4.86 2.34
C ALA A 858 -32.92 5.04 3.39
N GLU A 859 -34.18 5.05 2.93
CA GLU A 859 -35.31 5.35 3.79
C GLU A 859 -35.50 4.33 4.90
N HIS A 860 -35.30 3.06 4.58
CA HIS A 860 -35.41 1.99 5.57
C HIS A 860 -34.05 1.33 5.79
N ILE A 861 -33.49 1.54 6.97
CA ILE A 861 -32.20 0.94 7.38
C ILE A 861 -32.51 -0.07 8.48
N ARG A 862 -31.86 -1.22 8.39
CA ARG A 862 -31.88 -2.18 9.47
C ARG A 862 -30.66 -1.88 10.33
N LEU A 863 -30.89 -1.54 11.60
CA LEU A 863 -29.80 -1.31 12.56
C LEU A 863 -29.59 -2.58 13.38
N TYR A 864 -28.55 -3.34 13.01
CA TYR A 864 -28.19 -4.56 13.70
C TYR A 864 -27.37 -4.19 14.94
N ILE A 865 -27.79 -4.71 16.08
CA ILE A 865 -27.10 -4.50 17.35
C ILE A 865 -26.58 -5.85 17.79
N TYR A 866 -25.27 -6.05 17.71
CA TYR A 866 -24.63 -7.28 18.17
C TYR A 866 -24.27 -7.10 19.65
N GLN A 867 -25.06 -7.74 20.53
CA GLN A 867 -25.01 -7.45 21.95
C GLN A 867 -23.84 -8.17 22.66
N GLY A 868 -23.61 -7.81 23.91
CA GLY A 868 -22.58 -8.41 24.74
C GLY A 868 -21.47 -7.48 25.16
N ALA A 869 -21.43 -6.29 24.57
CA ALA A 869 -20.47 -5.24 24.91
C ALA A 869 -21.05 -3.89 24.51
N ASP A 870 -20.49 -2.82 25.07
CA ASP A 870 -20.87 -1.45 24.71
C ASP A 870 -20.43 -1.16 23.27
N GLY A 871 -21.13 -0.26 22.59
CA GLY A 871 -20.79 0.11 21.21
C GLY A 871 -21.21 1.50 20.86
N GLU A 872 -20.56 2.05 19.82
CA GLU A 872 -20.92 3.33 19.24
C GLU A 872 -20.71 3.29 17.75
N PHE A 873 -21.52 4.05 17.01
CA PHE A 873 -21.41 4.18 15.57
CA PHE A 873 -21.34 4.23 15.57
C PHE A 873 -22.12 5.47 15.15
N THR A 874 -21.54 6.23 14.21
CA THR A 874 -22.20 7.40 13.66
C THR A 874 -22.54 7.18 12.18
N LEU A 875 -23.84 7.24 11.85
CA LEU A 875 -24.28 7.16 10.47
C LEU A 875 -24.01 8.52 9.81
N TYR A 876 -23.16 8.53 8.78
CA TYR A 876 -22.79 9.75 8.07
C TYR A 876 -23.39 9.77 6.66
N GLU A 877 -23.96 10.91 6.26
CA GLU A 877 -24.51 11.14 4.92
C GLU A 877 -24.22 12.55 4.47
N ASP A 878 -24.11 12.70 3.15
CA ASP A 878 -23.91 14.01 2.51
C ASP A 878 -24.32 13.89 1.04
N GLU A 879 -24.00 14.90 0.23
CA GLU A 879 -24.38 14.88 -1.18
C GLU A 879 -23.57 13.96 -2.07
N GLY A 880 -22.46 13.41 -1.55
CA GLY A 880 -21.78 12.31 -2.20
C GLY A 880 -20.80 12.68 -3.30
N VAL A 881 -21.08 13.76 -4.05
CA VAL A 881 -20.42 14.05 -5.32
C VAL A 881 -19.62 15.36 -5.35
N ASN A 882 -19.75 16.18 -4.31
CA ASN A 882 -19.16 17.51 -4.26
C ASN A 882 -18.51 17.74 -2.89
N TYR A 883 -17.78 18.85 -2.75
CA TYR A 883 -17.04 19.14 -1.51
C TYR A 883 -17.82 19.99 -0.51
N ASN A 884 -19.15 20.01 -0.63
CA ASN A 884 -19.97 20.81 0.29
C ASN A 884 -19.83 20.42 1.76
N TYR A 885 -19.44 19.17 2.04
CA TYR A 885 -19.17 18.77 3.43
C TYR A 885 -18.07 19.61 4.11
N GLU A 886 -17.13 20.14 3.31
CA GLU A 886 -16.08 21.03 3.79
C GLU A 886 -16.63 22.34 4.37
N GLN A 887 -17.82 22.73 3.93
CA GLN A 887 -18.52 23.94 4.43
C GLN A 887 -19.62 23.61 5.45
N GLY A 888 -19.64 22.39 5.98
CA GLY A 888 -20.60 22.00 7.01
C GLY A 888 -21.90 21.38 6.50
N MET A 889 -22.00 21.15 5.19
CA MET A 889 -23.20 20.54 4.60
C MET A 889 -23.08 19.00 4.62
N TYR A 890 -23.46 18.42 5.74
CA TYR A 890 -23.50 16.97 5.92
C TYR A 890 -24.36 16.68 7.13
N ALA A 891 -24.70 15.42 7.34
CA ALA A 891 -25.42 15.02 8.56
C ALA A 891 -24.82 13.80 9.23
N MET A 892 -24.80 13.84 10.56
CA MET A 892 -24.39 12.72 11.40
C MET A 892 -25.51 12.31 12.36
N ILE A 893 -25.77 11.01 12.45
CA ILE A 893 -26.70 10.44 13.42
C ILE A 893 -25.87 9.55 14.34
N PRO A 894 -25.49 10.06 15.53
CA PRO A 894 -24.69 9.24 16.46
C PRO A 894 -25.55 8.23 17.22
N MET A 895 -25.04 7.02 17.35
CA MET A 895 -25.74 5.94 18.03
C MET A 895 -24.85 5.37 19.09
N LYS A 896 -25.44 5.00 20.23
CA LYS A 896 -24.69 4.46 21.35
C LYS A 896 -25.48 3.33 22.02
N TYR A 897 -24.79 2.24 22.35
CA TYR A 897 -25.38 1.04 22.95
C TYR A 897 -24.66 0.72 24.24
N ASP A 898 -25.44 0.56 25.31
CA ASP A 898 -24.93 0.24 26.65
C ASP A 898 -25.36 -1.18 27.00
N GLU A 899 -24.40 -2.09 27.17
CA GLU A 899 -24.69 -3.48 27.41
C GLU A 899 -25.34 -3.71 28.78
N ALA A 900 -24.89 -2.99 29.80
CA ALA A 900 -25.35 -3.26 31.17
C ALA A 900 -26.85 -3.08 31.30
N THR A 901 -27.40 -2.07 30.62
CA THR A 901 -28.85 -1.78 30.62
C THR A 901 -29.58 -2.18 29.32
N LYS A 902 -28.87 -2.78 28.35
CA LYS A 902 -29.44 -3.15 27.04
C LYS A 902 -30.18 -1.97 26.41
N THR A 903 -29.54 -0.82 26.42
CA THR A 903 -30.13 0.43 25.91
C THR A 903 -29.43 0.93 24.64
N LEU A 904 -30.21 1.23 23.61
CA LEU A 904 -29.72 1.91 22.40
C LEU A 904 -30.29 3.33 22.36
N VAL A 905 -29.41 4.32 22.19
CA VAL A 905 -29.81 5.70 21.92
C VAL A 905 -29.51 5.99 20.45
N ILE A 906 -30.54 6.39 19.71
CA ILE A 906 -30.40 6.92 18.36
C ILE A 906 -30.41 8.43 18.57
N GLY A 907 -29.25 9.06 18.41
CA GLY A 907 -29.08 10.44 18.81
C GLY A 907 -29.75 11.45 17.92
N GLU A 908 -29.86 12.66 18.44
CA GLU A 908 -30.31 13.81 17.69
C GLU A 908 -29.40 14.02 16.47
N ARG A 909 -29.99 14.22 15.31
CA ARG A 909 -29.21 14.41 14.06
C ARG A 909 -28.46 15.75 14.11
N GLN A 910 -27.21 15.75 13.66
CA GLN A 910 -26.37 16.95 13.66
C GLN A 910 -26.09 17.30 12.21
N GLY A 911 -26.50 18.49 11.77
CA GLY A 911 -26.25 19.01 10.42
C GLY A 911 -27.36 18.68 9.44
N GLU A 912 -27.36 19.36 8.30
CA GLU A 912 -28.25 19.01 7.19
C GLU A 912 -27.56 19.30 5.86
N PHE A 913 -28.17 18.81 4.79
CA PHE A 913 -27.66 19.06 3.45
C PHE A 913 -28.76 18.88 2.41
N PRO A 914 -28.57 19.46 1.22
CA PRO A 914 -29.60 19.34 0.18
C PRO A 914 -29.87 17.90 -0.22
N GLY A 915 -31.14 17.49 -0.17
CA GLY A 915 -31.54 16.13 -0.51
C GLY A 915 -31.54 15.11 0.62
N MET A 916 -31.17 15.58 1.83
CA MET A 916 -31.16 14.73 3.02
C MET A 916 -32.58 14.24 3.36
N LEU A 917 -32.70 12.99 3.75
CA LEU A 917 -33.95 12.48 4.34
C LEU A 917 -34.23 13.19 5.67
N LYS A 918 -35.33 13.94 5.78
CA LYS A 918 -35.70 14.48 7.08
C LYS A 918 -36.35 13.42 7.97
N GLU A 919 -37.20 12.60 7.38
CA GLU A 919 -37.86 11.49 8.04
C GLU A 919 -37.45 10.18 7.40
N ARG A 920 -37.26 9.15 8.23
CA ARG A 920 -36.84 7.84 7.75
C ARG A 920 -37.23 6.78 8.78
N THR A 921 -36.92 5.54 8.48
CA THR A 921 -37.33 4.40 9.28
C THR A 921 -36.10 3.56 9.64
N PHE A 922 -36.01 3.14 10.90
CA PHE A 922 -35.02 2.14 11.33
C PHE A 922 -35.77 0.93 11.87
N THR A 923 -35.31 -0.26 11.51
CA THR A 923 -35.71 -1.48 12.17
C THR A 923 -34.52 -1.98 12.98
N VAL A 924 -34.69 -1.99 14.29
CA VAL A 924 -33.62 -2.36 15.21
C VAL A 924 -33.70 -3.87 15.50
N VAL A 925 -32.63 -4.58 15.13
CA VAL A 925 -32.53 -6.04 15.19
C VAL A 925 -31.40 -6.44 16.12
N THR A 926 -31.67 -7.30 17.10
CA THR A 926 -30.62 -7.77 18.01
C THR A 926 -30.10 -9.16 17.69
N VAL A 927 -28.82 -9.34 17.97
CA VAL A 927 -28.11 -10.60 17.88
C VAL A 927 -27.43 -10.76 19.24
N ASN A 928 -27.61 -11.90 19.90
CA ASN A 928 -26.96 -12.13 21.22
C ASN A 928 -26.65 -13.60 21.47
N LYS A 929 -25.97 -13.88 22.56
CA LYS A 929 -25.55 -15.26 22.86
C LYS A 929 -26.73 -16.25 22.93
N GLU A 930 -27.92 -15.78 23.30
CA GLU A 930 -29.13 -16.62 23.37
C GLU A 930 -30.05 -16.46 22.15
N LYS A 931 -29.56 -15.77 21.11
CA LYS A 931 -30.38 -15.42 19.97
C LYS A 931 -29.50 -15.31 18.72
N ALA A 932 -29.29 -16.46 18.09
CA ALA A 932 -28.47 -16.55 16.87
C ALA A 932 -29.33 -16.11 15.69
N GLN A 933 -29.34 -14.81 15.44
CA GLN A 933 -30.10 -14.23 14.35
C GLN A 933 -29.25 -14.18 13.05
N PRO A 934 -29.60 -14.97 12.02
CA PRO A 934 -28.85 -14.88 10.74
CA PRO A 934 -28.86 -14.89 10.74
C PRO A 934 -29.02 -13.51 10.11
N PHE A 935 -28.02 -13.05 9.35
CA PHE A 935 -28.21 -11.80 8.62
C PHE A 935 -29.43 -11.96 7.69
N ASP A 936 -30.36 -11.01 7.77
CA ASP A 936 -31.64 -11.08 7.07
C ASP A 936 -32.23 -9.69 7.05
N LEU A 937 -32.36 -9.13 5.84
CA LEU A 937 -33.03 -7.83 5.71
C LEU A 937 -34.45 -7.84 6.27
N ASN A 938 -35.11 -8.99 6.22
CA ASN A 938 -36.47 -9.10 6.77
C ASN A 938 -36.53 -9.59 8.23
N ALA A 939 -35.42 -9.53 8.97
CA ALA A 939 -35.44 -9.97 10.37
C ALA A 939 -36.44 -9.17 11.20
N LYS A 940 -37.05 -9.86 12.16
CA LYS A 940 -37.95 -9.24 13.10
C LYS A 940 -37.21 -8.26 13.99
N GLY A 941 -37.75 -7.06 14.19
CA GLY A 941 -37.14 -6.11 15.13
C GLY A 941 -38.09 -5.02 15.55
N VAL A 942 -37.56 -3.95 16.13
CA VAL A 942 -38.37 -2.83 16.62
C VAL A 942 -38.33 -1.70 15.59
N THR A 943 -39.52 -1.28 15.13
CA THR A 943 -39.67 -0.18 14.16
C THR A 943 -39.61 1.17 14.82
N VAL A 944 -38.74 2.04 14.31
CA VAL A 944 -38.56 3.41 14.78
C VAL A 944 -38.81 4.34 13.60
N LYS A 945 -39.74 5.27 13.75
CA LYS A 945 -39.95 6.35 12.78
C LYS A 945 -39.19 7.58 13.29
N TYR A 946 -38.10 7.92 12.59
CA TYR A 946 -37.13 8.91 13.05
C TYR A 946 -37.25 10.17 12.21
N ASN A 947 -37.26 11.34 12.88
CA ASN A 947 -37.35 12.65 12.24
C ASN A 947 -36.21 13.61 12.59
N GLY A 948 -35.11 13.07 13.14
CA GLY A 948 -33.99 13.88 13.60
C GLY A 948 -33.91 14.05 15.10
N SER A 949 -35.00 13.76 15.82
CA SER A 949 -35.05 13.89 17.28
CA SER A 949 -35.00 13.90 17.27
C SER A 949 -34.56 12.59 17.93
N GLU A 950 -33.86 12.71 19.04
CA GLU A 950 -33.33 11.58 19.78
C GLU A 950 -34.45 10.62 20.20
N GLN A 951 -34.18 9.33 20.07
CA GLN A 951 -35.03 8.29 20.67
C GLN A 951 -34.19 7.28 21.41
N THR A 952 -34.78 6.68 22.45
CA THR A 952 -34.10 5.69 23.28
C THR A 952 -34.90 4.39 23.32
N LEU A 953 -34.21 3.28 23.11
CA LEU A 953 -34.83 1.95 23.13
C LEU A 953 -34.23 1.10 24.24
N LYS A 954 -35.10 0.46 25.00
CA LYS A 954 -34.71 -0.54 25.97
C LYS A 954 -34.97 -1.88 25.33
N LEU A 955 -33.90 -2.58 25.04
CA LEU A 955 -33.98 -3.87 24.43
C LEU A 955 -33.86 -4.95 25.54
NI NI B . -3.50 19.08 -27.09
C1 EDO C . 8.93 -25.23 -10.52
O1 EDO C . 7.61 -25.79 -10.72
C2 EDO C . 9.76 -25.33 -11.79
O2 EDO C . 10.06 -26.70 -12.09
C1 EDO D . 5.97 -9.03 19.32
O1 EDO D . 5.28 -9.82 18.34
C2 EDO D . 7.36 -8.64 18.85
O2 EDO D . 7.34 -8.16 17.52
C1 EDO E . 8.85 0.91 24.50
O1 EDO E . 8.27 0.13 25.56
C2 EDO E . 9.98 1.72 25.10
O2 EDO E . 10.99 0.84 25.58
C1 EDO F . -33.37 -4.07 -15.81
O1 EDO F . -32.58 -5.20 -15.35
C2 EDO F . -33.03 -3.65 -17.24
O2 EDO F . -31.68 -3.12 -17.35
C1 EDO G . 0.19 -15.03 9.17
O1 EDO G . -0.37 -13.93 8.46
C2 EDO G . -0.11 -16.31 8.43
O2 EDO G . 0.64 -16.38 7.21
C1 EDO H . 0.51 10.96 23.83
O1 EDO H . -0.70 10.26 23.63
C2 EDO H . 1.50 10.04 24.54
O2 EDO H . 0.91 9.53 25.73
C1 EDO I . -2.64 -2.00 -17.23
C1 EDO I . -3.03 -1.85 -17.16
O1 EDO I . -3.94 -2.61 -17.23
O1 EDO I . -1.92 -1.45 -17.96
C2 EDO I . -2.24 -1.64 -15.80
C2 EDO I . -2.51 -2.11 -15.76
O2 EDO I . -0.88 -1.15 -15.79
O2 EDO I . -1.08 -2.20 -15.84
C1 EDO J . 11.83 -4.64 -8.63
O1 EDO J . 12.36 -5.56 -7.66
C2 EDO J . 12.09 -5.14 -10.04
O2 EDO J . 11.12 -6.16 -10.39
C1 EDO K . 33.58 -18.48 -3.90
O1 EDO K . 33.51 -18.64 -2.50
C2 EDO K . 32.97 -19.67 -4.65
O2 EDO K . 33.36 -20.94 -4.08
#